data_1M75
#
_entry.id   1M75
#
_cell.length_a   50.151
_cell.length_b   87.597
_cell.length_c   158.545
_cell.angle_alpha   90.00
_cell.angle_beta   90.00
_cell.angle_gamma   90.00
#
_symmetry.space_group_name_H-M   'P 21 21 21'
#
loop_
_entity.id
_entity.type
_entity.pdbx_description
1 polymer '3-HYDROXYACYL-COA DEHYDROGENASE'
2 non-polymer 'ACETOACETYL-COENZYME A'
3 non-polymer NICOTINAMIDE-ADENINE-DINUCLEOTIDE
4 water water
#
_entity_poly.entity_id   1
_entity_poly.type   'polypeptide(L)'
_entity_poly.pdbx_seq_one_letter_code
;SSSSTASASAKKIIVKHVTVIGGGLMGAGIAQVAAATGHTVVLVDQTEDILAKSKKGIEESLRKVAKKKFAENPKAGDEF
VEKTLSTIATSTDAASVVHSTDLVVEAIVENLKVKNELFKRLDKFAAEHTIFASNTSSLQITSIANATTRQDRFAGLHFF
NPVPVMKLVEVIKTPMTSQKTFESLVDFSKALGKHPVSCKDTPGFIVSRLLVPYLMEAIRLYERGDASKEDIDTAMKLGA
GYPMGPFELLDYVGLDTTKFIVDGWHEMDAENPLHQPSPSLNKLVAENKFGKKTGEGFYKYK
;
_entity_poly.pdbx_strand_id   A,B
#
loop_
_chem_comp.id
_chem_comp.type
_chem_comp.name
_chem_comp.formula
CAA non-polymer 'ACETOACETYL-COENZYME A' 'C25 H40 N7 O18 P3 S'
NAD non-polymer NICOTINAMIDE-ADENINE-DINUCLEOTIDE 'C21 H27 N7 O14 P2'
#
# COMPACT_ATOMS: atom_id res chain seq x y z
N LYS A 12 -4.05 -28.70 -24.49
CA LYS A 12 -2.83 -28.11 -23.87
C LYS A 12 -2.08 -27.30 -24.91
N ILE A 13 -2.67 -26.19 -25.34
CA ILE A 13 -2.05 -25.33 -26.33
C ILE A 13 -0.94 -24.48 -25.75
N ILE A 14 0.18 -24.39 -26.47
CA ILE A 14 1.29 -23.56 -26.01
C ILE A 14 1.07 -22.22 -26.70
N VAL A 15 1.10 -21.15 -25.93
CA VAL A 15 0.89 -19.84 -26.52
C VAL A 15 2.13 -19.31 -27.20
N LYS A 16 2.01 -19.05 -28.50
CA LYS A 16 3.12 -18.51 -29.29
C LYS A 16 2.66 -17.24 -29.98
N HIS A 17 1.52 -17.33 -30.66
CA HIS A 17 0.98 -16.18 -31.37
C HIS A 17 -0.06 -15.52 -30.49
N VAL A 18 0.19 -14.28 -30.11
CA VAL A 18 -0.69 -13.53 -29.22
C VAL A 18 -1.28 -12.29 -29.84
N THR A 19 -2.60 -12.13 -29.68
CA THR A 19 -3.30 -10.96 -30.19
C THR A 19 -3.74 -10.11 -29.01
N VAL A 20 -3.28 -8.87 -28.96
CA VAL A 20 -3.66 -7.96 -27.88
C VAL A 20 -4.55 -6.85 -28.42
N ILE A 21 -5.79 -6.80 -27.93
CA ILE A 21 -6.72 -5.77 -28.35
C ILE A 21 -6.66 -4.60 -27.35
N GLY A 22 -6.20 -3.45 -27.83
CA GLY A 22 -6.09 -2.28 -26.97
C GLY A 22 -4.62 -1.95 -26.80
N GLY A 23 -4.19 -0.79 -27.30
CA GLY A 23 -2.80 -0.41 -27.19
C GLY A 23 -2.56 0.70 -26.18
N GLY A 24 -3.37 0.71 -25.12
CA GLY A 24 -3.23 1.73 -24.09
C GLY A 24 -2.17 1.36 -23.08
N LEU A 25 -2.31 1.90 -21.87
CA LEU A 25 -1.37 1.65 -20.78
C LEU A 25 -1.10 0.16 -20.58
N MET A 26 -2.15 -0.62 -20.49
CA MET A 26 -2.00 -2.05 -20.27
C MET A 26 -1.65 -2.85 -21.53
N GLY A 27 -2.47 -2.70 -22.57
CA GLY A 27 -2.26 -3.41 -23.82
C GLY A 27 -0.87 -3.30 -24.40
N ALA A 28 -0.38 -2.08 -24.57
CA ALA A 28 0.96 -1.88 -25.11
C ALA A 28 1.96 -2.69 -24.30
N GLY A 29 1.92 -2.51 -22.98
CA GLY A 29 2.84 -3.22 -22.10
C GLY A 29 2.77 -4.74 -22.22
N ILE A 30 1.56 -5.26 -22.29
CA ILE A 30 1.38 -6.69 -22.43
C ILE A 30 2.04 -7.16 -23.72
N ALA A 31 1.83 -6.40 -24.80
CA ALA A 31 2.41 -6.72 -26.09
C ALA A 31 3.93 -6.69 -25.99
N GLN A 32 4.45 -5.66 -25.35
CA GLN A 32 5.89 -5.48 -25.15
C GLN A 32 6.52 -6.71 -24.51
N VAL A 33 6.05 -7.03 -23.31
CA VAL A 33 6.54 -8.19 -22.58
C VAL A 33 6.35 -9.47 -23.38
N ALA A 34 5.19 -9.64 -24.01
CA ALA A 34 4.92 -10.83 -24.79
C ALA A 34 5.93 -10.96 -25.94
N ALA A 35 6.25 -9.83 -26.56
CA ALA A 35 7.22 -9.79 -27.66
C ALA A 35 8.63 -9.96 -27.15
N ALA A 36 8.94 -9.29 -26.04
CA ALA A 36 10.28 -9.37 -25.45
C ALA A 36 10.65 -10.80 -25.04
N THR A 37 9.63 -11.61 -24.79
CA THR A 37 9.86 -12.99 -24.37
C THR A 37 9.62 -13.99 -25.50
N GLY A 38 9.92 -13.56 -26.73
CA GLY A 38 9.77 -14.44 -27.89
C GLY A 38 8.40 -14.99 -28.25
N HIS A 39 7.41 -14.12 -28.34
CA HIS A 39 6.07 -14.56 -28.74
C HIS A 39 5.78 -13.63 -29.91
N THR A 40 4.95 -14.05 -30.84
CA THR A 40 4.62 -13.14 -31.92
C THR A 40 3.37 -12.44 -31.44
N VAL A 41 3.31 -11.13 -31.64
CA VAL A 41 2.18 -10.36 -31.17
C VAL A 41 1.57 -9.42 -32.20
N VAL A 42 0.25 -9.34 -32.18
CA VAL A 42 -0.44 -8.42 -33.07
C VAL A 42 -1.27 -7.52 -32.17
N LEU A 43 -0.83 -6.27 -32.05
CA LEU A 43 -1.50 -5.29 -31.24
C LEU A 43 -2.57 -4.62 -32.09
N VAL A 44 -3.78 -4.57 -31.56
CA VAL A 44 -4.90 -3.99 -32.27
C VAL A 44 -5.47 -2.78 -31.52
N ASP A 45 -5.91 -1.79 -32.29
CA ASP A 45 -6.53 -0.61 -31.70
C ASP A 45 -7.39 0.09 -32.75
N GLN A 46 -8.06 1.16 -32.34
CA GLN A 46 -8.98 1.93 -33.19
C GLN A 46 -8.41 2.53 -34.47
N THR A 47 -7.42 3.40 -34.32
CA THR A 47 -6.85 4.06 -35.48
C THR A 47 -5.38 3.78 -35.69
N GLU A 48 -4.89 4.19 -36.85
CA GLU A 48 -3.50 3.98 -37.20
C GLU A 48 -2.63 4.95 -36.39
N ASP A 49 -3.20 6.09 -36.00
CA ASP A 49 -2.45 7.05 -35.20
C ASP A 49 -2.24 6.47 -33.81
N ILE A 50 -3.31 5.90 -33.24
CA ILE A 50 -3.24 5.31 -31.90
C ILE A 50 -2.09 4.32 -31.89
N LEU A 51 -2.18 3.33 -32.76
CA LEU A 51 -1.15 2.29 -32.86
C LEU A 51 0.25 2.85 -32.92
N ALA A 52 0.44 3.88 -33.73
CA ALA A 52 1.76 4.48 -33.88
C ALA A 52 2.20 5.02 -32.53
N LYS A 53 1.26 5.59 -31.79
CA LYS A 53 1.60 6.14 -30.47
C LYS A 53 1.95 5.00 -29.50
N SER A 54 1.14 3.94 -29.50
CA SER A 54 1.39 2.80 -28.62
C SER A 54 2.77 2.24 -28.92
N LYS A 55 3.01 1.92 -30.19
CA LYS A 55 4.27 1.36 -30.63
C LYS A 55 5.43 2.26 -30.22
N LYS A 56 5.27 3.57 -30.34
CA LYS A 56 6.32 4.50 -29.95
C LYS A 56 6.56 4.42 -28.44
N GLY A 57 5.48 4.30 -27.68
CA GLY A 57 5.60 4.21 -26.24
C GLY A 57 6.32 2.94 -25.85
N ILE A 58 5.97 1.83 -26.49
CA ILE A 58 6.61 0.56 -26.21
C ILE A 58 8.12 0.67 -26.43
N GLU A 59 8.52 1.54 -27.35
CA GLU A 59 9.94 1.72 -27.63
C GLU A 59 10.63 2.47 -26.49
N GLU A 60 10.05 3.60 -26.09
CA GLU A 60 10.63 4.38 -24.99
C GLU A 60 10.78 3.48 -23.77
N SER A 61 9.80 2.60 -23.57
CA SER A 61 9.84 1.67 -22.44
C SER A 61 10.95 0.64 -22.61
N LEU A 62 11.24 0.28 -23.86
CA LEU A 62 12.29 -0.70 -24.15
C LEU A 62 13.69 -0.14 -23.98
N ARG A 63 13.85 1.17 -24.21
CA ARG A 63 15.15 1.82 -24.05
C ARG A 63 15.62 1.69 -22.60
N LYS A 64 14.68 1.84 -21.68
CA LYS A 64 14.96 1.72 -20.26
C LYS A 64 15.34 0.26 -19.97
N VAL A 65 14.47 -0.67 -20.37
CA VAL A 65 14.73 -2.09 -20.16
C VAL A 65 16.07 -2.44 -20.80
N ALA A 66 16.53 -1.58 -21.70
CA ALA A 66 17.79 -1.80 -22.40
C ALA A 66 18.98 -1.54 -21.50
N LYS A 67 18.99 -0.37 -20.85
CA LYS A 67 20.11 0.00 -19.97
C LYS A 67 20.35 -1.00 -18.84
N LYS A 68 19.32 -1.75 -18.48
CA LYS A 68 19.41 -2.74 -17.41
C LYS A 68 19.92 -4.12 -17.85
N LYS A 69 19.47 -4.59 -19.01
CA LYS A 69 19.91 -5.89 -19.53
C LYS A 69 21.19 -5.79 -20.36
N PHE A 70 21.39 -4.64 -21.01
CA PHE A 70 22.58 -4.42 -21.85
C PHE A 70 23.17 -3.04 -21.62
N ALA A 71 23.81 -2.86 -20.46
CA ALA A 71 24.42 -1.58 -20.11
C ALA A 71 25.74 -1.36 -20.84
N GLU A 72 26.69 -2.28 -20.62
CA GLU A 72 28.01 -2.19 -21.25
C GLU A 72 27.97 -2.70 -22.69
N ASN A 73 26.78 -2.99 -23.18
CA ASN A 73 26.62 -3.49 -24.54
C ASN A 73 25.61 -2.64 -25.32
N PRO A 74 26.09 -1.56 -25.97
CA PRO A 74 25.20 -0.69 -26.75
C PRO A 74 24.70 -1.36 -28.02
N LYS A 75 25.57 -2.14 -28.66
CA LYS A 75 25.19 -2.82 -29.90
C LYS A 75 24.04 -3.79 -29.62
N ALA A 76 24.28 -4.73 -28.72
CA ALA A 76 23.26 -5.71 -28.36
C ALA A 76 22.04 -5.00 -27.78
N GLY A 77 22.19 -3.72 -27.48
CA GLY A 77 21.09 -2.95 -26.93
C GLY A 77 20.05 -2.66 -28.02
N ASP A 78 20.50 -2.06 -29.12
CA ASP A 78 19.62 -1.76 -30.23
C ASP A 78 19.00 -3.04 -30.76
N GLU A 79 19.83 -4.08 -30.86
CA GLU A 79 19.37 -5.38 -31.34
C GLU A 79 18.08 -5.79 -30.66
N PHE A 80 18.14 -5.85 -29.33
CA PHE A 80 16.99 -6.24 -28.52
C PHE A 80 15.77 -5.38 -28.78
N VAL A 81 15.97 -4.06 -28.86
CA VAL A 81 14.86 -3.16 -29.09
C VAL A 81 14.23 -3.32 -30.46
N GLU A 82 15.06 -3.35 -31.50
CA GLU A 82 14.58 -3.52 -32.87
C GLU A 82 13.83 -4.83 -33.04
N LYS A 83 14.42 -5.92 -32.55
CA LYS A 83 13.80 -7.24 -32.66
C LYS A 83 12.45 -7.35 -31.93
N THR A 84 12.36 -6.73 -30.76
CA THR A 84 11.12 -6.78 -29.99
C THR A 84 10.02 -5.99 -30.69
N LEU A 85 10.38 -4.82 -31.22
CA LEU A 85 9.42 -3.98 -31.92
C LEU A 85 8.97 -4.71 -33.19
N SER A 86 9.89 -5.45 -33.80
CA SER A 86 9.61 -6.19 -35.01
C SER A 86 8.64 -7.33 -34.74
N THR A 87 8.75 -7.96 -33.57
CA THR A 87 7.85 -9.06 -33.27
C THR A 87 6.47 -8.55 -32.85
N ILE A 88 6.27 -7.24 -32.99
CA ILE A 88 4.99 -6.64 -32.66
C ILE A 88 4.37 -6.05 -33.92
N ALA A 89 3.37 -6.73 -34.46
CA ALA A 89 2.68 -6.26 -35.64
C ALA A 89 1.52 -5.40 -35.17
N THR A 90 1.01 -4.52 -36.03
CA THR A 90 -0.10 -3.68 -35.66
C THR A 90 -1.24 -3.85 -36.65
N SER A 91 -2.47 -3.60 -36.20
CA SER A 91 -3.64 -3.71 -37.06
C SER A 91 -4.82 -2.96 -36.49
N THR A 92 -5.69 -2.45 -37.37
CA THR A 92 -6.87 -1.73 -36.94
C THR A 92 -8.09 -2.60 -37.21
N ASP A 93 -7.86 -3.88 -37.45
CA ASP A 93 -8.95 -4.81 -37.73
C ASP A 93 -8.77 -6.14 -37.00
N ALA A 94 -9.41 -6.27 -35.85
CA ALA A 94 -9.31 -7.49 -35.03
C ALA A 94 -9.77 -8.74 -35.76
N ALA A 95 -10.93 -8.67 -36.38
CA ALA A 95 -11.50 -9.79 -37.09
C ALA A 95 -10.54 -10.40 -38.10
N SER A 96 -9.76 -9.56 -38.78
CA SER A 96 -8.81 -10.06 -39.78
C SER A 96 -7.49 -10.54 -39.19
N VAL A 97 -7.41 -10.62 -37.86
CA VAL A 97 -6.19 -11.06 -37.22
C VAL A 97 -6.42 -12.28 -36.34
N VAL A 98 -7.56 -12.33 -35.67
CA VAL A 98 -7.87 -13.43 -34.78
C VAL A 98 -8.35 -14.70 -35.48
N HIS A 99 -8.36 -14.68 -36.81
CA HIS A 99 -8.80 -15.86 -37.55
C HIS A 99 -7.88 -17.00 -37.16
N SER A 100 -6.63 -16.65 -36.89
CA SER A 100 -5.65 -17.65 -36.49
C SER A 100 -4.72 -17.01 -35.47
N THR A 101 -4.95 -17.32 -34.20
CA THR A 101 -4.14 -16.79 -33.12
C THR A 101 -4.22 -17.77 -31.96
N ASP A 102 -3.19 -17.82 -31.14
CA ASP A 102 -3.21 -18.75 -30.03
C ASP A 102 -3.94 -18.17 -28.84
N LEU A 103 -3.88 -16.86 -28.70
CA LEU A 103 -4.55 -16.22 -27.59
C LEU A 103 -4.89 -14.77 -27.86
N VAL A 104 -6.02 -14.35 -27.32
CA VAL A 104 -6.47 -12.98 -27.47
C VAL A 104 -6.56 -12.37 -26.09
N VAL A 105 -5.74 -11.36 -25.83
CA VAL A 105 -5.77 -10.69 -24.54
C VAL A 105 -6.43 -9.34 -24.72
N GLU A 106 -7.66 -9.22 -24.23
CA GLU A 106 -8.40 -7.97 -24.35
C GLU A 106 -8.00 -6.96 -23.30
N ALA A 107 -7.78 -5.73 -23.74
CA ALA A 107 -7.39 -4.65 -22.84
C ALA A 107 -7.99 -3.34 -23.31
N ILE A 108 -9.32 -3.29 -23.38
CA ILE A 108 -10.01 -2.07 -23.80
C ILE A 108 -10.76 -1.45 -22.64
N VAL A 109 -11.34 -0.28 -22.88
CA VAL A 109 -12.09 0.46 -21.88
C VAL A 109 -12.78 -0.43 -20.86
N GLU A 110 -12.71 -0.01 -19.60
CA GLU A 110 -13.34 -0.75 -18.52
C GLU A 110 -14.84 -0.50 -18.60
N ASN A 111 -15.52 -1.35 -19.36
CA ASN A 111 -16.97 -1.25 -19.53
C ASN A 111 -17.49 -2.63 -19.94
N LEU A 112 -18.39 -3.20 -19.13
CA LEU A 112 -18.91 -4.51 -19.43
C LEU A 112 -19.55 -4.60 -20.82
N LYS A 113 -20.57 -3.77 -21.07
CA LYS A 113 -21.26 -3.80 -22.37
C LYS A 113 -20.31 -3.80 -23.57
N VAL A 114 -19.38 -2.86 -23.59
CA VAL A 114 -18.45 -2.79 -24.70
C VAL A 114 -17.59 -4.04 -24.86
N LYS A 115 -17.10 -4.59 -23.74
CA LYS A 115 -16.26 -5.79 -23.78
C LYS A 115 -17.03 -7.01 -24.26
N ASN A 116 -18.27 -7.15 -23.81
CA ASN A 116 -19.11 -8.28 -24.19
C ASN A 116 -19.37 -8.26 -25.69
N GLU A 117 -19.72 -7.10 -26.22
CA GLU A 117 -19.97 -6.97 -27.64
C GLU A 117 -18.75 -7.40 -28.44
N LEU A 118 -17.58 -6.96 -27.98
CA LEU A 118 -16.33 -7.29 -28.67
C LEU A 118 -16.05 -8.79 -28.70
N PHE A 119 -16.33 -9.47 -27.59
CA PHE A 119 -16.08 -10.90 -27.55
C PHE A 119 -17.18 -11.72 -28.26
N LYS A 120 -18.40 -11.21 -28.28
CA LYS A 120 -19.47 -11.93 -28.95
C LYS A 120 -19.12 -11.93 -30.46
N ARG A 121 -18.48 -10.85 -30.89
CA ARG A 121 -18.08 -10.68 -32.28
C ARG A 121 -16.87 -11.56 -32.66
N LEU A 122 -15.77 -11.43 -31.91
CA LEU A 122 -14.58 -12.21 -32.20
C LEU A 122 -14.80 -13.71 -32.05
N ASP A 123 -15.72 -14.08 -31.17
CA ASP A 123 -16.00 -15.50 -30.94
C ASP A 123 -16.32 -16.17 -32.25
N LYS A 124 -17.01 -15.45 -33.13
CA LYS A 124 -17.39 -16.03 -34.41
C LYS A 124 -16.33 -15.98 -35.49
N PHE A 125 -15.18 -15.37 -35.19
CA PHE A 125 -14.08 -15.30 -36.15
C PHE A 125 -12.91 -16.20 -35.80
N ALA A 126 -12.45 -16.13 -34.55
CA ALA A 126 -11.31 -16.92 -34.10
C ALA A 126 -11.49 -18.42 -34.21
N ALA A 127 -10.38 -19.11 -34.46
CA ALA A 127 -10.37 -20.56 -34.58
C ALA A 127 -10.84 -21.16 -33.26
N GLU A 128 -11.17 -22.44 -33.26
CA GLU A 128 -11.65 -23.09 -32.05
C GLU A 128 -10.64 -23.11 -30.90
N HIS A 129 -9.41 -23.57 -31.18
CA HIS A 129 -8.39 -23.69 -30.15
C HIS A 129 -8.01 -22.38 -29.43
N THR A 130 -8.28 -21.25 -30.08
CA THR A 130 -7.96 -19.94 -29.51
C THR A 130 -8.57 -19.70 -28.12
N ILE A 131 -7.81 -19.02 -27.27
CA ILE A 131 -8.24 -18.70 -25.92
C ILE A 131 -8.50 -17.20 -25.80
N PHE A 132 -9.59 -16.84 -25.12
CA PHE A 132 -9.96 -15.45 -24.93
C PHE A 132 -9.70 -15.01 -23.48
N ALA A 133 -8.98 -13.91 -23.30
CA ALA A 133 -8.67 -13.45 -21.96
C ALA A 133 -8.91 -11.96 -21.75
N SER A 134 -9.57 -11.63 -20.65
CA SER A 134 -9.85 -10.24 -20.30
C SER A 134 -8.90 -9.76 -19.20
N ASN A 135 -8.34 -8.57 -19.38
CA ASN A 135 -7.43 -7.97 -18.41
C ASN A 135 -8.23 -6.96 -17.60
N THR A 136 -9.51 -7.23 -17.43
CA THR A 136 -10.37 -6.33 -16.69
C THR A 136 -9.90 -6.17 -15.25
N SER A 137 -10.17 -5.01 -14.67
CA SER A 137 -9.80 -4.69 -13.30
C SER A 137 -10.89 -4.99 -12.30
N SER A 138 -12.15 -4.85 -12.72
CA SER A 138 -13.26 -5.04 -11.81
C SER A 138 -14.50 -5.76 -12.31
N LEU A 139 -14.42 -6.47 -13.43
CA LEU A 139 -15.60 -7.15 -13.93
C LEU A 139 -15.59 -8.66 -13.76
N GLN A 140 -16.77 -9.25 -13.78
CA GLN A 140 -16.89 -10.69 -13.62
C GLN A 140 -16.50 -11.41 -14.91
N ILE A 141 -15.40 -12.16 -14.87
CA ILE A 141 -14.97 -12.90 -16.04
C ILE A 141 -16.15 -13.70 -16.58
N THR A 142 -16.90 -14.32 -15.66
CA THR A 142 -18.05 -15.10 -16.03
C THR A 142 -19.05 -14.31 -16.87
N SER A 143 -19.23 -13.03 -16.52
CA SER A 143 -20.16 -12.18 -17.25
C SER A 143 -19.68 -11.87 -18.67
N ILE A 144 -18.38 -11.65 -18.81
CA ILE A 144 -17.80 -11.36 -20.11
C ILE A 144 -17.77 -12.66 -20.92
N ALA A 145 -17.39 -13.75 -20.27
CA ALA A 145 -17.30 -15.04 -20.94
C ALA A 145 -18.64 -15.54 -21.48
N ASN A 146 -19.72 -15.34 -20.74
CA ASN A 146 -21.02 -15.80 -21.18
C ASN A 146 -21.57 -15.01 -22.36
N ALA A 147 -20.71 -14.20 -22.97
CA ALA A 147 -21.07 -13.41 -24.14
C ALA A 147 -20.63 -14.19 -25.38
N THR A 148 -19.94 -15.32 -25.15
CA THR A 148 -19.45 -16.18 -26.22
C THR A 148 -19.92 -17.60 -25.96
N THR A 149 -19.53 -18.51 -26.84
CA THR A 149 -19.89 -19.94 -26.70
C THR A 149 -18.59 -20.72 -26.63
N ARG A 150 -17.62 -20.10 -25.97
CA ARG A 150 -16.28 -20.65 -25.83
C ARG A 150 -15.82 -20.48 -24.36
N GLN A 151 -16.77 -20.46 -23.43
CA GLN A 151 -16.45 -20.26 -22.03
C GLN A 151 -15.36 -21.16 -21.47
N ASP A 152 -15.22 -22.38 -21.99
CA ASP A 152 -14.20 -23.28 -21.49
C ASP A 152 -12.81 -22.73 -21.82
N ARG A 153 -12.76 -21.91 -22.85
CA ARG A 153 -11.50 -21.31 -23.30
C ARG A 153 -11.44 -19.83 -22.93
N PHE A 154 -12.38 -19.39 -22.11
CA PHE A 154 -12.41 -18.00 -21.68
C PHE A 154 -11.97 -17.88 -20.23
N ALA A 155 -11.15 -16.87 -19.93
CA ALA A 155 -10.66 -16.68 -18.58
C ALA A 155 -10.18 -15.27 -18.28
N GLY A 156 -9.71 -15.05 -17.06
CA GLY A 156 -9.19 -13.75 -16.69
C GLY A 156 -7.69 -13.82 -16.66
N LEU A 157 -7.02 -12.79 -17.16
CA LEU A 157 -5.57 -12.73 -17.16
C LEU A 157 -5.32 -11.25 -16.91
N HIS A 158 -5.10 -10.94 -15.64
CA HIS A 158 -4.92 -9.58 -15.16
C HIS A 158 -3.46 -9.16 -14.95
N PHE A 159 -3.05 -8.08 -15.60
CA PHE A 159 -1.67 -7.58 -15.47
C PHE A 159 -1.67 -6.32 -14.62
N PHE A 160 -0.48 -5.82 -14.28
CA PHE A 160 -0.40 -4.64 -13.46
C PHE A 160 0.50 -3.55 -14.04
N ASN A 161 0.00 -2.33 -14.00
CA ASN A 161 0.70 -1.19 -14.54
C ASN A 161 1.88 -0.77 -13.67
N PRO A 162 3.09 -0.72 -14.24
CA PRO A 162 3.45 -1.00 -15.64
C PRO A 162 3.81 -2.47 -15.87
N VAL A 163 3.13 -3.09 -16.83
CA VAL A 163 3.33 -4.50 -17.17
C VAL A 163 4.79 -4.94 -17.30
N PRO A 164 5.68 -4.07 -17.81
CA PRO A 164 7.08 -4.50 -17.93
C PRO A 164 7.77 -4.62 -16.55
N VAL A 165 7.24 -3.93 -15.53
CA VAL A 165 7.84 -3.97 -14.19
C VAL A 165 7.16 -4.93 -13.21
N MET A 166 5.86 -4.75 -13.00
CA MET A 166 5.13 -5.59 -12.06
C MET A 166 5.12 -7.06 -12.49
N LYS A 167 5.60 -7.92 -11.60
CA LYS A 167 5.69 -9.35 -11.85
C LYS A 167 4.37 -10.11 -11.72
N LEU A 168 3.41 -9.54 -11.01
CA LEU A 168 2.16 -10.25 -10.80
C LEU A 168 1.22 -10.37 -12.00
N VAL A 169 0.52 -11.50 -12.06
CA VAL A 169 -0.49 -11.73 -13.08
C VAL A 169 -1.51 -12.60 -12.37
N GLU A 170 -2.75 -12.14 -12.33
CA GLU A 170 -3.81 -12.91 -11.70
C GLU A 170 -4.53 -13.68 -12.80
N VAL A 171 -4.43 -15.00 -12.75
CA VAL A 171 -5.09 -15.88 -13.70
C VAL A 171 -6.44 -16.23 -13.08
N ILE A 172 -7.53 -15.80 -13.71
CA ILE A 172 -8.88 -16.06 -13.18
C ILE A 172 -9.68 -17.12 -13.93
N LYS A 173 -10.02 -18.20 -13.24
CA LYS A 173 -10.82 -19.29 -13.80
C LYS A 173 -12.29 -19.03 -13.50
N THR A 174 -13.18 -19.30 -14.45
CA THR A 174 -14.60 -19.13 -14.17
C THR A 174 -15.01 -20.57 -13.89
N PRO A 175 -16.24 -20.80 -13.42
CA PRO A 175 -16.63 -22.18 -13.15
C PRO A 175 -16.70 -23.01 -14.42
N MET A 176 -16.56 -22.35 -15.57
CA MET A 176 -16.62 -23.05 -16.86
C MET A 176 -15.26 -23.23 -17.51
N THR A 177 -14.31 -22.37 -17.14
CA THR A 177 -12.97 -22.46 -17.70
C THR A 177 -12.42 -23.87 -17.57
N SER A 178 -11.75 -24.36 -18.61
CA SER A 178 -11.19 -25.70 -18.55
C SER A 178 -9.81 -25.68 -17.92
N GLN A 179 -9.42 -26.78 -17.30
CA GLN A 179 -8.12 -26.90 -16.67
C GLN A 179 -7.07 -26.62 -17.73
N LYS A 180 -7.29 -27.18 -18.93
CA LYS A 180 -6.37 -26.99 -20.05
C LYS A 180 -6.18 -25.51 -20.38
N THR A 181 -7.28 -24.77 -20.42
CA THR A 181 -7.20 -23.34 -20.71
C THR A 181 -6.35 -22.69 -19.62
N PHE A 182 -6.68 -23.04 -18.37
CA PHE A 182 -5.99 -22.53 -17.18
C PHE A 182 -4.50 -22.77 -17.27
N GLU A 183 -4.11 -24.03 -17.37
CA GLU A 183 -2.70 -24.39 -17.44
C GLU A 183 -1.95 -23.59 -18.51
N SER A 184 -2.51 -23.52 -19.71
CA SER A 184 -1.88 -22.78 -20.79
C SER A 184 -1.60 -21.35 -20.35
N LEU A 185 -2.63 -20.67 -19.86
CA LEU A 185 -2.46 -19.30 -19.40
C LEU A 185 -1.41 -19.25 -18.27
N VAL A 186 -1.33 -20.31 -17.49
CA VAL A 186 -0.34 -20.32 -16.42
C VAL A 186 1.04 -20.36 -17.06
N ASP A 187 1.26 -21.32 -17.96
CA ASP A 187 2.54 -21.44 -18.63
C ASP A 187 2.93 -20.17 -19.34
N PHE A 188 1.95 -19.56 -20.01
CA PHE A 188 2.18 -18.32 -20.73
C PHE A 188 2.68 -17.26 -19.73
N SER A 189 1.99 -17.13 -18.61
CA SER A 189 2.37 -16.15 -17.59
C SER A 189 3.83 -16.32 -17.20
N LYS A 190 4.27 -17.57 -17.05
CA LYS A 190 5.64 -17.81 -16.68
C LYS A 190 6.56 -17.55 -17.88
N ALA A 191 6.10 -17.89 -19.08
CA ALA A 191 6.93 -17.65 -20.27
C ALA A 191 7.14 -16.15 -20.38
N LEU A 192 6.19 -15.39 -19.87
CA LEU A 192 6.27 -13.93 -19.88
C LEU A 192 7.23 -13.43 -18.81
N GLY A 193 7.73 -14.33 -17.97
CA GLY A 193 8.61 -13.92 -16.90
C GLY A 193 7.84 -13.29 -15.75
N LYS A 194 6.55 -13.62 -15.66
CA LYS A 194 5.71 -13.09 -14.59
C LYS A 194 5.42 -14.14 -13.53
N HIS A 195 4.78 -13.71 -12.46
CA HIS A 195 4.44 -14.60 -11.36
C HIS A 195 2.93 -14.73 -11.32
N PRO A 196 2.41 -15.88 -11.75
CA PRO A 196 0.97 -16.07 -11.75
C PRO A 196 0.38 -16.49 -10.41
N VAL A 197 -0.83 -16.02 -10.14
CA VAL A 197 -1.54 -16.33 -8.92
C VAL A 197 -2.98 -16.59 -9.30
N SER A 198 -3.43 -17.82 -9.14
CA SER A 198 -4.80 -18.19 -9.46
C SER A 198 -5.77 -17.59 -8.45
N CYS A 199 -6.76 -16.85 -8.94
CA CYS A 199 -7.74 -16.20 -8.08
C CYS A 199 -9.15 -16.66 -8.40
N LYS A 200 -10.09 -16.42 -7.50
CA LYS A 200 -11.47 -16.80 -7.77
C LYS A 200 -12.04 -15.65 -8.57
N ASP A 201 -13.16 -15.88 -9.24
CA ASP A 201 -13.75 -14.81 -10.04
C ASP A 201 -14.68 -13.93 -9.20
N THR A 202 -14.08 -13.08 -8.37
CA THR A 202 -14.83 -12.15 -7.54
C THR A 202 -14.40 -10.76 -7.96
N PRO A 203 -15.32 -9.81 -7.94
CA PRO A 203 -15.05 -8.42 -8.33
C PRO A 203 -13.80 -7.81 -7.70
N GLY A 204 -12.87 -7.40 -8.56
CA GLY A 204 -11.64 -6.81 -8.11
C GLY A 204 -10.58 -7.86 -7.87
N PHE A 205 -10.98 -9.12 -7.90
CA PHE A 205 -10.05 -10.22 -7.64
C PHE A 205 -9.33 -9.87 -6.34
N ILE A 206 -8.00 -9.85 -6.32
CA ILE A 206 -7.31 -9.49 -5.09
C ILE A 206 -6.82 -8.05 -5.08
N VAL A 207 -5.76 -7.78 -5.82
CA VAL A 207 -5.15 -6.45 -5.85
C VAL A 207 -6.10 -5.26 -5.98
N SER A 208 -7.02 -5.31 -6.94
CA SER A 208 -7.94 -4.20 -7.15
C SER A 208 -9.00 -4.08 -6.08
N ARG A 209 -9.50 -5.22 -5.62
CA ARG A 209 -10.53 -5.24 -4.60
C ARG A 209 -10.00 -4.54 -3.34
N LEU A 210 -8.69 -4.59 -3.15
CA LEU A 210 -8.04 -3.99 -2.00
C LEU A 210 -7.41 -2.62 -2.25
N LEU A 211 -6.96 -2.38 -3.48
CA LEU A 211 -6.31 -1.10 -3.79
C LEU A 211 -7.27 0.03 -4.17
N VAL A 212 -8.26 -0.30 -5.00
CA VAL A 212 -9.21 0.70 -5.44
C VAL A 212 -9.95 1.33 -4.26
N PRO A 213 -10.62 0.52 -3.43
CA PRO A 213 -11.35 1.11 -2.29
C PRO A 213 -10.45 2.03 -1.45
N TYR A 214 -9.19 1.66 -1.31
CA TYR A 214 -8.24 2.45 -0.56
C TYR A 214 -7.95 3.78 -1.27
N LEU A 215 -7.88 3.76 -2.60
CA LEU A 215 -7.59 4.97 -3.36
C LEU A 215 -8.74 5.96 -3.20
N MET A 216 -9.96 5.46 -3.23
CA MET A 216 -11.11 6.32 -3.06
C MET A 216 -11.05 7.01 -1.70
N GLU A 217 -10.84 6.22 -0.64
CA GLU A 217 -10.75 6.77 0.70
C GLU A 217 -9.76 7.94 0.77
N ALA A 218 -8.57 7.75 0.20
CA ALA A 218 -7.59 8.83 0.22
C ALA A 218 -8.20 10.07 -0.43
N ILE A 219 -8.99 9.88 -1.49
CA ILE A 219 -9.63 11.00 -2.16
C ILE A 219 -10.61 11.64 -1.16
N ARG A 220 -11.43 10.82 -0.53
CA ARG A 220 -12.39 11.33 0.44
C ARG A 220 -11.72 12.08 1.58
N LEU A 221 -10.56 11.61 2.02
CA LEU A 221 -9.85 12.27 3.10
C LEU A 221 -9.53 13.67 2.62
N TYR A 222 -9.18 13.78 1.33
CA TYR A 222 -8.85 15.06 0.71
C TYR A 222 -10.11 15.89 0.58
N GLU A 223 -11.20 15.27 0.17
CA GLU A 223 -12.46 15.97 -0.01
C GLU A 223 -13.04 16.42 1.33
N ARG A 224 -12.73 15.66 2.38
CA ARG A 224 -13.21 15.98 3.72
C ARG A 224 -12.62 17.30 4.20
N GLY A 225 -11.41 17.59 3.74
CA GLY A 225 -10.74 18.83 4.13
C GLY A 225 -9.69 18.60 5.19
N ASP A 226 -9.37 17.34 5.46
CA ASP A 226 -8.40 16.99 6.48
C ASP A 226 -6.95 17.02 6.07
N ALA A 227 -6.66 17.03 4.76
CA ALA A 227 -5.28 17.04 4.31
C ALA A 227 -5.13 17.30 2.82
N SER A 228 -3.95 17.74 2.42
CA SER A 228 -3.69 18.02 1.01
C SER A 228 -3.21 16.75 0.32
N LYS A 229 -3.32 16.72 -1.01
CA LYS A 229 -2.89 15.56 -1.79
C LYS A 229 -1.41 15.31 -1.58
N GLU A 230 -0.62 16.38 -1.56
CA GLU A 230 0.83 16.24 -1.37
C GLU A 230 1.18 15.55 -0.05
N ASP A 231 0.62 16.04 1.06
CA ASP A 231 0.91 15.43 2.36
C ASP A 231 0.41 14.00 2.43
N ILE A 232 -0.77 13.75 1.86
CA ILE A 232 -1.33 12.39 1.83
C ILE A 232 -0.33 11.46 1.12
N ASP A 233 0.21 11.91 -0.03
CA ASP A 233 1.18 11.10 -0.78
C ASP A 233 2.46 10.93 0.03
N THR A 234 2.99 12.02 0.55
CA THR A 234 4.21 11.96 1.36
C THR A 234 4.00 10.96 2.50
N ALA A 235 2.87 11.10 3.19
CA ALA A 235 2.56 10.26 4.32
C ALA A 235 2.55 8.77 4.00
N MET A 236 1.83 8.39 2.94
CA MET A 236 1.76 6.99 2.56
C MET A 236 3.10 6.41 2.11
N LYS A 237 3.95 7.24 1.52
CA LYS A 237 5.25 6.76 1.08
C LYS A 237 6.24 6.67 2.23
N LEU A 238 6.36 7.74 3.02
CA LEU A 238 7.30 7.69 4.13
C LEU A 238 6.78 6.95 5.34
N GLY A 239 5.46 6.83 5.44
CA GLY A 239 4.87 6.14 6.58
C GLY A 239 4.58 4.66 6.36
N ALA A 240 4.15 4.31 5.14
CA ALA A 240 3.85 2.92 4.83
C ALA A 240 4.86 2.29 3.85
N GLY A 241 5.79 3.09 3.38
CA GLY A 241 6.80 2.58 2.46
C GLY A 241 6.28 2.33 1.05
N TYR A 242 5.14 2.91 0.72
CA TYR A 242 4.55 2.72 -0.60
C TYR A 242 5.36 3.39 -1.70
N PRO A 243 5.47 2.74 -2.87
CA PRO A 243 6.21 3.27 -4.02
C PRO A 243 5.65 4.63 -4.43
N MET A 244 4.32 4.74 -4.43
CA MET A 244 3.67 5.99 -4.82
C MET A 244 2.55 6.40 -3.89
N GLY A 245 2.34 7.71 -3.78
CA GLY A 245 1.25 8.22 -2.96
C GLY A 245 -0.03 7.79 -3.65
N PRO A 246 -1.17 7.75 -2.95
CA PRO A 246 -2.41 7.34 -3.60
C PRO A 246 -2.85 8.22 -4.77
N PHE A 247 -2.50 9.50 -4.74
CA PHE A 247 -2.88 10.39 -5.83
C PHE A 247 -1.96 10.21 -7.03
N GLU A 248 -0.68 9.97 -6.78
CA GLU A 248 0.29 9.75 -7.85
C GLU A 248 -0.20 8.53 -8.62
N LEU A 249 -0.52 7.49 -7.85
CA LEU A 249 -0.97 6.22 -8.40
C LEU A 249 -2.25 6.36 -9.20
N LEU A 250 -3.20 7.14 -8.70
CA LEU A 250 -4.45 7.36 -9.40
C LEU A 250 -4.13 7.92 -10.79
N ASP A 251 -3.33 8.98 -10.80
CA ASP A 251 -2.93 9.61 -12.04
C ASP A 251 -2.22 8.64 -12.97
N TYR A 252 -1.36 7.80 -12.41
CA TYR A 252 -0.59 6.83 -13.18
C TYR A 252 -1.50 5.80 -13.85
N VAL A 253 -2.46 5.32 -13.08
CA VAL A 253 -3.42 4.33 -13.54
C VAL A 253 -4.46 4.91 -14.50
N GLY A 254 -4.85 6.16 -14.26
CA GLY A 254 -5.85 6.79 -15.09
C GLY A 254 -7.15 7.03 -14.34
N LEU A 255 -7.49 8.30 -14.14
CA LEU A 255 -8.70 8.67 -13.42
C LEU A 255 -9.95 8.16 -14.11
N ASP A 256 -9.93 8.16 -15.43
CA ASP A 256 -11.07 7.70 -16.20
C ASP A 256 -11.32 6.22 -15.91
N THR A 257 -10.26 5.43 -15.91
CA THR A 257 -10.35 4.00 -15.63
C THR A 257 -10.83 3.75 -14.21
N THR A 258 -10.30 4.52 -13.26
CA THR A 258 -10.70 4.36 -11.88
C THR A 258 -12.19 4.62 -11.78
N LYS A 259 -12.63 5.75 -12.31
CA LYS A 259 -14.04 6.08 -12.27
C LYS A 259 -14.91 4.95 -12.82
N PHE A 260 -14.57 4.42 -13.99
CA PHE A 260 -15.37 3.36 -14.58
C PHE A 260 -15.46 2.15 -13.65
N ILE A 261 -14.35 1.84 -13.00
CA ILE A 261 -14.33 0.71 -12.05
C ILE A 261 -15.35 0.98 -10.96
N VAL A 262 -15.18 2.10 -10.28
CA VAL A 262 -16.06 2.46 -9.17
C VAL A 262 -17.53 2.60 -9.54
N ASP A 263 -17.81 3.23 -10.68
CA ASP A 263 -19.19 3.37 -11.11
C ASP A 263 -19.75 1.98 -11.37
N GLY A 264 -18.87 1.06 -11.75
CA GLY A 264 -19.31 -0.29 -12.03
C GLY A 264 -19.80 -0.96 -10.77
N TRP A 265 -18.96 -0.96 -9.75
CA TRP A 265 -19.30 -1.57 -8.47
C TRP A 265 -20.50 -0.87 -7.83
N HIS A 266 -20.63 0.43 -8.05
CA HIS A 266 -21.73 1.20 -7.50
C HIS A 266 -23.08 0.67 -7.96
N GLU A 267 -23.21 0.41 -9.27
CA GLU A 267 -24.46 -0.11 -9.78
C GLU A 267 -24.75 -1.47 -9.16
N MET A 268 -23.71 -2.30 -9.08
CA MET A 268 -23.80 -3.65 -8.53
C MET A 268 -24.27 -3.67 -7.08
N ASP A 269 -24.27 -2.50 -6.44
CA ASP A 269 -24.69 -2.37 -5.04
C ASP A 269 -24.59 -0.92 -4.61
N ALA A 270 -25.63 -0.14 -4.91
CA ALA A 270 -25.66 1.29 -4.60
C ALA A 270 -25.60 1.62 -3.11
N GLU A 271 -26.14 0.73 -2.28
CA GLU A 271 -26.17 0.96 -0.84
C GLU A 271 -24.79 0.94 -0.18
N ASN A 272 -23.85 0.23 -0.80
CA ASN A 272 -22.50 0.14 -0.26
C ASN A 272 -21.80 1.51 -0.34
N PRO A 273 -21.55 2.14 0.83
CA PRO A 273 -20.88 3.44 0.90
C PRO A 273 -19.41 3.40 0.48
N LEU A 274 -18.90 2.20 0.20
CA LEU A 274 -17.52 2.06 -0.21
C LEU A 274 -17.37 2.28 -1.73
N HIS A 275 -18.50 2.25 -2.44
CA HIS A 275 -18.50 2.46 -3.89
C HIS A 275 -19.06 3.84 -4.23
N GLN A 276 -19.22 4.68 -3.22
CA GLN A 276 -19.74 6.02 -3.46
C GLN A 276 -18.76 6.78 -4.35
N PRO A 277 -19.22 7.19 -5.53
CA PRO A 277 -18.35 7.92 -6.46
C PRO A 277 -17.89 9.26 -5.90
N SER A 278 -16.72 9.72 -6.33
CA SER A 278 -16.15 10.99 -5.87
C SER A 278 -16.44 12.16 -6.79
N PRO A 279 -16.84 13.30 -6.23
CA PRO A 279 -17.15 14.49 -7.02
C PRO A 279 -15.90 15.03 -7.71
N SER A 280 -14.80 15.08 -6.98
CA SER A 280 -13.54 15.59 -7.52
C SER A 280 -13.02 14.70 -8.63
N LEU A 281 -13.27 13.41 -8.52
CA LEU A 281 -12.82 12.47 -9.53
C LEU A 281 -13.63 12.69 -10.80
N ASN A 282 -14.95 12.63 -10.66
CA ASN A 282 -15.86 12.80 -11.78
C ASN A 282 -15.69 14.14 -12.49
N LYS A 283 -15.31 15.17 -11.75
CA LYS A 283 -15.11 16.48 -12.32
C LYS A 283 -13.87 16.50 -13.20
N LEU A 284 -12.80 15.85 -12.74
CA LEU A 284 -11.56 15.80 -13.51
C LEU A 284 -11.76 14.99 -14.79
N VAL A 285 -12.55 13.93 -14.71
CA VAL A 285 -12.83 13.07 -15.85
C VAL A 285 -13.65 13.84 -16.88
N ALA A 286 -14.68 14.53 -16.41
CA ALA A 286 -15.56 15.32 -17.27
C ALA A 286 -14.76 16.43 -17.97
N GLU A 287 -13.58 16.72 -17.44
CA GLU A 287 -12.73 17.75 -18.03
C GLU A 287 -11.59 17.12 -18.80
N ASN A 288 -11.69 15.81 -19.03
CA ASN A 288 -10.67 15.06 -19.76
C ASN A 288 -9.27 15.23 -19.18
N LYS A 289 -9.16 15.01 -17.88
CA LYS A 289 -7.90 15.08 -17.16
C LYS A 289 -7.82 13.71 -16.52
N PHE A 290 -7.30 12.75 -17.26
CA PHE A 290 -7.20 11.37 -16.79
C PHE A 290 -5.91 11.00 -16.10
N GLY A 291 -5.05 11.97 -15.84
CA GLY A 291 -3.79 11.68 -15.18
C GLY A 291 -2.61 11.74 -16.13
N LYS A 292 -1.70 10.79 -16.03
CA LYS A 292 -0.54 10.75 -16.91
C LYS A 292 -0.99 10.72 -18.37
N LYS A 293 -1.99 9.89 -18.67
CA LYS A 293 -2.54 9.73 -20.01
C LYS A 293 -2.74 11.06 -20.76
N THR A 294 -3.53 11.95 -20.18
CA THR A 294 -3.82 13.22 -20.81
C THR A 294 -2.88 14.35 -20.42
N GLY A 295 -1.88 14.04 -19.61
CA GLY A 295 -0.94 15.08 -19.19
C GLY A 295 -1.39 15.83 -17.96
N GLU A 296 -2.53 15.45 -17.39
CA GLU A 296 -3.03 16.09 -16.19
C GLU A 296 -4.20 15.33 -15.55
N GLY A 297 -4.09 15.16 -14.24
CA GLY A 297 -5.12 14.51 -13.45
C GLY A 297 -5.14 15.33 -12.17
N PHE A 298 -5.06 14.68 -11.02
CA PHE A 298 -5.04 15.44 -9.78
C PHE A 298 -3.84 16.39 -9.88
N TYR A 299 -2.76 15.89 -10.45
CA TYR A 299 -1.56 16.70 -10.63
C TYR A 299 -1.39 17.01 -12.12
N LYS A 300 -0.51 17.97 -12.42
CA LYS A 300 -0.23 18.35 -13.80
C LYS A 300 1.10 17.71 -14.16
N TYR A 301 1.26 17.35 -15.42
CA TYR A 301 2.51 16.75 -15.88
C TYR A 301 2.99 17.42 -17.16
N LYS A 302 4.29 17.63 -17.25
CA LYS A 302 4.89 18.25 -18.43
C LYS A 302 5.19 17.16 -19.47
N LYS B 12 10.16 28.96 22.88
CA LYS B 12 10.43 27.71 22.11
C LYS B 12 11.47 26.86 22.82
N ILE B 13 11.04 25.74 23.39
CA ILE B 13 11.98 24.87 24.10
C ILE B 13 12.66 23.90 23.12
N ILE B 14 13.94 23.66 23.36
CA ILE B 14 14.70 22.74 22.51
C ILE B 14 14.69 21.37 23.17
N VAL B 15 13.91 20.46 22.63
CA VAL B 15 13.84 19.12 23.20
C VAL B 15 15.20 18.45 23.23
N LYS B 16 15.67 18.16 24.45
CA LYS B 16 16.96 17.51 24.68
C LYS B 16 16.77 16.24 25.52
N HIS B 17 15.98 16.34 26.58
CA HIS B 17 15.73 15.18 27.43
C HIS B 17 14.36 14.63 27.11
N VAL B 18 14.30 13.34 26.78
CA VAL B 18 13.03 12.75 26.41
C VAL B 18 12.65 11.53 27.21
N THR B 19 11.45 11.55 27.75
CA THR B 19 10.96 10.42 28.50
C THR B 19 10.00 9.65 27.61
N VAL B 20 10.36 8.41 27.33
CA VAL B 20 9.55 7.58 26.47
C VAL B 20 8.84 6.54 27.32
N ILE B 21 7.51 6.56 27.29
CA ILE B 21 6.75 5.62 28.08
C ILE B 21 6.20 4.47 27.24
N GLY B 22 6.77 3.28 27.46
CA GLY B 22 6.39 2.09 26.73
C GLY B 22 7.67 1.57 26.09
N GLY B 23 8.06 0.34 26.42
CA GLY B 23 9.27 -0.20 25.85
C GLY B 23 8.98 -1.27 24.83
N GLY B 24 7.84 -1.14 24.16
CA GLY B 24 7.45 -2.11 23.15
C GLY B 24 7.94 -1.76 21.77
N LEU B 25 7.26 -2.32 20.77
CA LEU B 25 7.63 -2.10 19.37
C LEU B 25 7.91 -0.64 19.02
N MET B 26 7.03 0.27 19.39
CA MET B 26 7.24 1.69 19.06
C MET B 26 8.15 2.43 20.03
N GLY B 27 7.84 2.36 21.32
CA GLY B 27 8.63 3.04 22.33
C GLY B 27 10.12 2.72 22.21
N ALA B 28 10.43 1.44 22.18
CA ALA B 28 11.82 1.00 22.05
C ALA B 28 12.48 1.69 20.85
N GLY B 29 11.75 1.75 19.74
CA GLY B 29 12.28 2.39 18.55
C GLY B 29 12.37 3.89 18.72
N ILE B 30 11.37 4.49 19.34
CA ILE B 30 11.38 5.93 19.56
C ILE B 30 12.55 6.30 20.45
N ALA B 31 12.77 5.54 21.52
CA ALA B 31 13.87 5.83 22.43
C ALA B 31 15.18 5.59 21.71
N GLN B 32 15.25 4.52 20.91
CA GLN B 32 16.46 4.20 20.17
C GLN B 32 16.89 5.36 19.27
N VAL B 33 15.99 5.80 18.41
CA VAL B 33 16.30 6.89 17.50
C VAL B 33 16.68 8.17 18.24
N ALA B 34 15.89 8.54 19.23
CA ALA B 34 16.17 9.74 20.02
C ALA B 34 17.57 9.64 20.58
N ALA B 35 17.89 8.48 21.12
CA ALA B 35 19.21 8.25 21.69
C ALA B 35 20.30 8.41 20.65
N ALA B 36 20.12 7.72 19.53
CA ALA B 36 21.10 7.75 18.45
C ALA B 36 21.38 9.16 17.97
N THR B 37 20.39 10.04 18.11
CA THR B 37 20.54 11.41 17.66
C THR B 37 20.93 12.39 18.77
N GLY B 38 21.65 11.88 19.76
CA GLY B 38 22.11 12.73 20.85
C GLY B 38 21.10 13.30 21.83
N HIS B 39 19.97 12.64 22.04
CA HIS B 39 19.00 13.13 23.00
C HIS B 39 19.11 12.29 24.25
N THR B 40 18.99 12.93 25.41
CA THR B 40 19.05 12.19 26.67
C THR B 40 17.70 11.49 26.78
N VAL B 41 17.72 10.16 26.84
CA VAL B 41 16.48 9.38 26.90
C VAL B 41 16.25 8.55 28.14
N VAL B 42 14.99 8.48 28.58
CA VAL B 42 14.63 7.64 29.70
C VAL B 42 13.52 6.74 29.19
N LEU B 43 13.77 5.44 29.15
CA LEU B 43 12.77 4.50 28.70
C LEU B 43 12.03 3.93 29.92
N VAL B 44 10.71 4.02 29.90
CA VAL B 44 9.90 3.55 31.01
C VAL B 44 8.96 2.42 30.68
N ASP B 45 8.84 1.47 31.61
CA ASP B 45 7.89 0.37 31.46
C ASP B 45 7.56 -0.24 32.83
N GLN B 46 6.49 -1.02 32.87
CA GLN B 46 5.98 -1.64 34.08
C GLN B 46 6.89 -2.43 35.01
N THR B 47 7.83 -3.19 34.47
CA THR B 47 8.71 -3.96 35.34
C THR B 47 10.14 -3.87 34.85
N GLU B 48 11.08 -4.22 35.73
CA GLU B 48 12.50 -4.16 35.38
C GLU B 48 12.86 -5.18 34.31
N ASP B 49 12.17 -6.32 34.33
CA ASP B 49 12.43 -7.37 33.36
C ASP B 49 12.07 -6.84 31.98
N ILE B 50 10.85 -6.32 31.86
CA ILE B 50 10.36 -5.78 30.60
C ILE B 50 11.35 -4.78 30.00
N LEU B 51 11.88 -3.90 30.84
CA LEU B 51 12.84 -2.91 30.38
C LEU B 51 14.11 -3.60 29.91
N ALA B 52 14.47 -4.69 30.58
CA ALA B 52 15.67 -5.45 30.23
C ALA B 52 15.55 -6.05 28.84
N LYS B 53 14.40 -6.64 28.54
CA LYS B 53 14.18 -7.22 27.22
C LYS B 53 14.20 -6.10 26.18
N SER B 54 13.55 -4.98 26.51
CA SER B 54 13.52 -3.84 25.61
C SER B 54 14.93 -3.42 25.27
N LYS B 55 15.68 -3.00 26.29
CA LYS B 55 17.06 -2.56 26.09
C LYS B 55 17.81 -3.59 25.25
N LYS B 56 17.57 -4.87 25.53
CA LYS B 56 18.23 -5.94 24.80
C LYS B 56 17.83 -5.85 23.32
N GLY B 57 16.54 -5.61 23.09
CA GLY B 57 16.04 -5.49 21.73
C GLY B 57 16.63 -4.31 20.99
N ILE B 58 16.73 -3.18 21.67
CA ILE B 58 17.29 -1.98 21.07
C ILE B 58 18.75 -2.25 20.70
N GLU B 59 19.44 -3.00 21.55
CA GLU B 59 20.85 -3.32 21.29
C GLU B 59 20.94 -4.18 20.04
N GLU B 60 20.14 -5.24 19.99
CA GLU B 60 20.13 -6.12 18.83
C GLU B 60 19.82 -5.31 17.58
N SER B 61 18.87 -4.39 17.70
CA SER B 61 18.47 -3.54 16.59
C SER B 61 19.59 -2.58 16.20
N LEU B 62 20.27 -2.03 17.20
CA LEU B 62 21.35 -1.10 16.92
C LEU B 62 22.49 -1.72 16.12
N ARG B 63 22.76 -2.99 16.34
CA ARG B 63 23.83 -3.66 15.62
C ARG B 63 23.47 -3.95 14.17
N LYS B 64 22.23 -4.36 13.91
CA LYS B 64 21.84 -4.61 12.54
C LYS B 64 22.11 -3.32 11.80
N VAL B 65 21.88 -2.20 12.48
CA VAL B 65 22.09 -0.88 11.92
C VAL B 65 23.58 -0.59 11.80
N ALA B 66 24.35 -1.12 12.74
CA ALA B 66 25.80 -0.94 12.73
C ALA B 66 26.40 -1.68 11.55
N LYS B 67 26.06 -2.96 11.44
CA LYS B 67 26.54 -3.83 10.37
C LYS B 67 26.40 -3.15 9.01
N LYS B 68 25.35 -2.34 8.88
CA LYS B 68 25.12 -1.63 7.63
C LYS B 68 25.84 -0.28 7.63
N LYS B 69 25.21 0.70 8.27
CA LYS B 69 25.71 2.06 8.39
C LYS B 69 27.21 2.22 8.71
N PHE B 70 27.85 1.11 9.13
CA PHE B 70 29.27 1.12 9.49
C PHE B 70 30.01 -0.14 9.05
N ALA B 71 29.41 -0.89 8.13
CA ALA B 71 29.99 -2.14 7.63
C ALA B 71 31.51 -2.12 7.45
N GLU B 72 32.04 -1.00 6.96
CA GLU B 72 33.47 -0.89 6.72
C GLU B 72 34.29 -0.20 7.83
N ASN B 73 33.70 -0.11 9.03
CA ASN B 73 34.37 0.49 10.17
C ASN B 73 33.83 -0.10 11.47
N PRO B 74 34.29 -1.31 11.84
CA PRO B 74 33.81 -1.95 13.07
C PRO B 74 33.85 -1.07 14.33
N LYS B 75 34.96 -0.38 14.55
CA LYS B 75 35.07 0.48 15.71
C LYS B 75 33.95 1.51 15.71
N ALA B 76 33.75 2.18 14.57
CA ALA B 76 32.70 3.18 14.48
C ALA B 76 31.35 2.55 14.83
N GLY B 77 31.19 1.29 14.45
CA GLY B 77 29.95 0.59 14.73
C GLY B 77 29.80 0.33 16.22
N ASP B 78 30.85 -0.18 16.82
CA ASP B 78 30.89 -0.48 18.25
C ASP B 78 30.61 0.78 19.08
N GLU B 79 31.30 1.87 18.73
CA GLU B 79 31.14 3.10 19.46
C GLU B 79 29.73 3.66 19.28
N PHE B 80 29.17 3.49 18.09
CA PHE B 80 27.81 3.97 17.84
C PHE B 80 26.82 3.19 18.71
N VAL B 81 27.04 1.88 18.82
CA VAL B 81 26.16 1.03 19.62
C VAL B 81 26.24 1.37 21.10
N GLU B 82 27.47 1.40 21.65
CA GLU B 82 27.68 1.70 23.06
C GLU B 82 27.19 3.09 23.44
N LYS B 83 27.59 4.09 22.66
CA LYS B 83 27.19 5.46 22.92
C LYS B 83 25.67 5.63 22.94
N THR B 84 24.97 4.93 22.06
CA THR B 84 23.53 5.05 22.02
C THR B 84 22.89 4.37 23.22
N LEU B 85 23.23 3.10 23.44
CA LEU B 85 22.67 2.37 24.57
C LEU B 85 22.95 3.14 25.84
N SER B 86 24.10 3.81 25.85
CA SER B 86 24.53 4.60 26.99
C SER B 86 23.63 5.78 27.31
N THR B 87 22.95 6.33 26.31
CA THR B 87 22.09 7.47 26.55
C THR B 87 20.70 7.06 27.00
N ILE B 88 20.43 5.76 26.96
CA ILE B 88 19.12 5.24 27.35
C ILE B 88 19.09 4.72 28.79
N ALA B 89 18.36 5.44 29.65
CA ALA B 89 18.22 5.03 31.05
C ALA B 89 16.84 4.41 31.21
N THR B 90 16.70 3.50 32.17
CA THR B 90 15.41 2.86 32.42
C THR B 90 14.85 3.14 33.82
N SER B 91 13.53 3.30 33.91
CA SER B 91 12.84 3.56 35.17
C SER B 91 11.46 2.92 35.06
N THR B 92 10.97 2.31 36.14
CA THR B 92 9.66 1.70 36.10
C THR B 92 8.55 2.70 36.42
N ASP B 93 8.92 3.92 36.81
CA ASP B 93 7.92 4.92 37.12
C ASP B 93 8.30 6.23 36.48
N ALA B 94 7.53 6.63 35.47
CA ALA B 94 7.79 7.88 34.75
C ALA B 94 7.60 9.11 35.63
N ALA B 95 6.69 9.01 36.61
CA ALA B 95 6.41 10.12 37.50
C ALA B 95 7.65 10.58 38.26
N SER B 96 8.64 9.71 38.35
CA SER B 96 9.87 10.04 39.07
C SER B 96 10.84 10.77 38.16
N VAL B 97 10.61 10.66 36.86
CA VAL B 97 11.47 11.26 35.86
C VAL B 97 10.97 12.53 35.17
N VAL B 98 9.66 12.65 35.01
CA VAL B 98 9.12 13.80 34.30
C VAL B 98 9.40 15.19 34.82
N HIS B 99 9.69 15.34 36.12
CA HIS B 99 9.92 16.68 36.66
C HIS B 99 11.14 17.39 36.05
N SER B 100 12.03 16.65 35.41
CA SER B 100 13.18 17.28 34.79
C SER B 100 13.37 16.85 33.33
N THR B 101 12.26 16.50 32.67
CA THR B 101 12.30 16.09 31.26
C THR B 101 11.74 17.18 30.36
N ASP B 102 12.17 17.21 29.10
CA ASP B 102 11.70 18.21 28.15
C ASP B 102 10.45 17.76 27.40
N LEU B 103 10.39 16.47 27.10
CA LEU B 103 9.28 15.90 26.37
C LEU B 103 8.93 14.48 26.80
N VAL B 104 7.63 14.21 26.92
CA VAL B 104 7.20 12.87 27.25
C VAL B 104 6.47 12.29 26.04
N VAL B 105 7.02 11.23 25.45
CA VAL B 105 6.38 10.60 24.31
C VAL B 105 5.81 9.29 24.81
N GLU B 106 4.50 9.23 24.95
CA GLU B 106 3.83 8.02 25.44
C GLU B 106 3.59 7.01 24.32
N ALA B 107 3.99 5.77 24.57
CA ALA B 107 3.84 4.71 23.60
C ALA B 107 3.36 3.43 24.26
N ILE B 108 2.29 3.55 25.04
CA ILE B 108 1.73 2.40 25.74
C ILE B 108 0.47 1.89 25.04
N VAL B 109 -0.09 0.80 25.56
CA VAL B 109 -1.28 0.18 24.99
C VAL B 109 -2.30 1.18 24.43
N GLU B 110 -2.90 0.83 23.32
CA GLU B 110 -3.87 1.71 22.67
C GLU B 110 -5.19 1.64 23.41
N ASN B 111 -5.29 2.43 24.47
CA ASN B 111 -6.51 2.51 25.28
C ASN B 111 -6.67 3.92 25.84
N LEU B 112 -7.80 4.55 25.53
CA LEU B 112 -8.07 5.91 25.97
C LEU B 112 -8.02 6.07 27.48
N LYS B 113 -8.83 5.28 28.18
CA LYS B 113 -8.89 5.30 29.63
C LYS B 113 -7.48 5.22 30.21
N VAL B 114 -6.79 4.13 29.90
CA VAL B 114 -5.44 3.93 30.39
C VAL B 114 -4.44 5.02 29.97
N LYS B 115 -4.67 5.68 28.84
CA LYS B 115 -3.75 6.74 28.42
C LYS B 115 -3.98 8.03 29.23
N ASN B 116 -5.25 8.37 29.44
CA ASN B 116 -5.58 9.59 30.20
C ASN B 116 -5.08 9.43 31.63
N GLU B 117 -5.36 8.28 32.22
CA GLU B 117 -4.93 7.99 33.57
C GLU B 117 -3.46 8.35 33.69
N LEU B 118 -2.63 7.75 32.85
CA LEU B 118 -1.20 8.03 32.87
C LEU B 118 -0.88 9.51 32.78
N PHE B 119 -1.58 10.22 31.91
CA PHE B 119 -1.32 11.64 31.72
C PHE B 119 -1.81 12.53 32.83
N LYS B 120 -2.92 12.16 33.46
CA LYS B 120 -3.43 12.92 34.59
C LYS B 120 -2.35 12.91 35.66
N ARG B 121 -1.81 11.72 35.94
CA ARG B 121 -0.77 11.58 36.95
C ARG B 121 0.47 12.41 36.61
N LEU B 122 1.10 12.12 35.47
CA LEU B 122 2.30 12.81 35.03
C LEU B 122 2.17 14.33 35.01
N ASP B 123 1.00 14.83 34.63
CA ASP B 123 0.80 16.28 34.58
C ASP B 123 1.15 16.89 35.94
N LYS B 124 0.96 16.12 37.00
CA LYS B 124 1.26 16.58 38.35
C LYS B 124 2.75 16.68 38.62
N PHE B 125 3.51 15.70 38.16
CA PHE B 125 4.95 15.68 38.38
C PHE B 125 5.80 16.44 37.38
N ALA B 126 5.32 16.61 36.16
CA ALA B 126 6.12 17.27 35.13
C ALA B 126 6.44 18.73 35.32
N ALA B 127 7.61 19.12 34.81
CA ALA B 127 8.05 20.50 34.87
C ALA B 127 6.99 21.29 34.11
N GLU B 128 6.91 22.58 34.40
CA GLU B 128 5.94 23.44 33.73
C GLU B 128 6.14 23.50 32.21
N HIS B 129 7.40 23.54 31.77
CA HIS B 129 7.71 23.62 30.34
C HIS B 129 7.63 22.30 29.58
N THR B 130 7.49 21.20 30.31
CA THR B 130 7.43 19.89 29.67
C THR B 130 6.29 19.70 28.67
N ILE B 131 6.62 19.20 27.49
CA ILE B 131 5.63 18.94 26.45
C ILE B 131 5.19 17.49 26.52
N PHE B 132 3.90 17.25 26.35
CA PHE B 132 3.35 15.91 26.39
C PHE B 132 2.94 15.49 24.99
N ALA B 133 3.29 14.27 24.62
CA ALA B 133 2.96 13.76 23.31
C ALA B 133 2.54 12.30 23.33
N SER B 134 1.44 11.99 22.64
CA SER B 134 0.95 10.63 22.53
C SER B 134 1.31 10.11 21.13
N ASN B 135 1.68 8.83 21.04
CA ASN B 135 2.05 8.18 19.79
C ASN B 135 0.86 7.34 19.34
N THR B 136 -0.32 7.77 19.74
CA THR B 136 -1.54 7.03 19.43
C THR B 136 -1.82 6.96 17.91
N SER B 137 -2.44 5.86 17.49
CA SER B 137 -2.75 5.67 16.07
C SER B 137 -4.19 5.95 15.71
N SER B 138 -5.10 5.84 16.68
CA SER B 138 -6.51 6.02 16.36
C SER B 138 -7.33 6.94 17.23
N LEU B 139 -6.78 7.33 18.38
CA LEU B 139 -7.53 8.19 19.29
C LEU B 139 -7.32 9.68 19.06
N GLN B 140 -8.32 10.45 19.45
CA GLN B 140 -8.27 11.90 19.30
C GLN B 140 -7.37 12.53 20.37
N ILE B 141 -6.33 13.22 19.92
CA ILE B 141 -5.41 13.87 20.84
C ILE B 141 -6.18 14.80 21.80
N THR B 142 -7.16 15.52 21.31
CA THR B 142 -7.94 16.41 22.16
C THR B 142 -8.42 15.64 23.40
N SER B 143 -8.92 14.43 23.20
CA SER B 143 -9.40 13.62 24.30
C SER B 143 -8.31 13.41 25.34
N ILE B 144 -7.20 12.81 24.92
CA ILE B 144 -6.08 12.55 25.80
C ILE B 144 -5.63 13.81 26.51
N ALA B 145 -5.47 14.88 25.75
CA ALA B 145 -5.02 16.15 26.30
C ALA B 145 -5.94 16.74 27.38
N ASN B 146 -7.21 16.43 27.31
CA ASN B 146 -8.13 16.99 28.28
C ASN B 146 -8.10 16.33 29.66
N ALA B 147 -7.19 15.37 29.83
CA ALA B 147 -7.03 14.69 31.11
C ALA B 147 -5.97 15.48 31.89
N THR B 148 -5.48 16.54 31.28
CA THR B 148 -4.48 17.40 31.90
C THR B 148 -4.95 18.84 31.82
N THR B 149 -4.12 19.76 32.31
CA THR B 149 -4.41 21.18 32.26
C THR B 149 -3.19 21.77 31.59
N ARG B 150 -2.67 21.00 30.64
CA ARG B 150 -1.48 21.37 29.90
C ARG B 150 -1.74 21.25 28.38
N GLN B 151 -3.00 21.43 27.97
CA GLN B 151 -3.37 21.29 26.56
C GLN B 151 -2.50 22.09 25.61
N ASP B 152 -2.04 23.26 26.04
CA ASP B 152 -1.20 24.09 25.18
C ASP B 152 0.17 23.46 24.97
N ARG B 153 0.50 22.48 25.81
CA ARG B 153 1.78 21.79 25.71
C ARG B 153 1.51 20.31 25.42
N PHE B 154 0.31 20.01 24.96
CA PHE B 154 -0.06 18.63 24.63
C PHE B 154 -0.25 18.53 23.12
N ALA B 155 0.15 17.41 22.56
CA ALA B 155 0.03 17.21 21.12
C ALA B 155 0.32 15.76 20.75
N GLY B 156 0.08 15.43 19.48
CA GLY B 156 0.34 14.08 19.02
C GLY B 156 1.64 14.03 18.23
N LEU B 157 2.43 12.98 18.47
CA LEU B 157 3.67 12.79 17.75
C LEU B 157 3.63 11.30 17.41
N HIS B 158 3.15 11.03 16.20
CA HIS B 158 2.95 9.68 15.71
C HIS B 158 4.09 9.17 14.84
N PHE B 159 4.70 8.08 15.26
CA PHE B 159 5.80 7.48 14.51
C PHE B 159 5.30 6.24 13.79
N PHE B 160 6.16 5.65 12.96
CA PHE B 160 5.80 4.47 12.19
C PHE B 160 6.76 3.31 12.31
N ASN B 161 6.18 2.15 12.60
CA ASN B 161 6.88 0.89 12.79
C ASN B 161 7.54 0.37 11.51
N PRO B 162 8.86 0.13 11.52
CA PRO B 162 9.79 0.31 12.63
C PRO B 162 10.35 1.72 12.65
N VAL B 163 10.39 2.31 13.83
CA VAL B 163 10.86 3.67 14.02
C VAL B 163 12.25 4.00 13.45
N PRO B 164 13.22 3.11 13.62
CA PRO B 164 14.55 3.43 13.08
C PRO B 164 14.63 3.53 11.55
N VAL B 165 13.64 2.96 10.85
CA VAL B 165 13.65 3.01 9.38
C VAL B 165 12.68 4.03 8.81
N MET B 166 11.39 3.86 9.09
CA MET B 166 10.39 4.78 8.55
C MET B 166 10.70 6.24 8.88
N LYS B 167 10.63 7.10 7.86
CA LYS B 167 10.94 8.51 8.03
C LYS B 167 9.78 9.42 8.41
N LEU B 168 8.55 8.93 8.25
CA LEU B 168 7.41 9.76 8.58
C LEU B 168 7.16 9.95 10.08
N VAL B 169 6.64 11.12 10.41
CA VAL B 169 6.29 11.49 11.76
C VAL B 169 5.15 12.48 11.63
N GLU B 170 3.96 12.07 12.06
CA GLU B 170 2.80 12.94 12.03
C GLU B 170 2.78 13.73 13.33
N VAL B 171 2.85 15.04 13.21
CA VAL B 171 2.82 15.95 14.35
C VAL B 171 1.41 16.49 14.32
N ILE B 172 0.64 16.23 15.37
CA ILE B 172 -0.75 16.65 15.42
C ILE B 172 -1.07 17.74 16.45
N LYS B 173 -1.65 18.83 15.98
CA LYS B 173 -2.04 19.93 16.86
C LYS B 173 -3.52 19.81 17.14
N THR B 174 -3.91 20.16 18.36
CA THR B 174 -5.32 20.15 18.73
C THR B 174 -5.67 21.63 18.64
N PRO B 175 -6.93 21.97 18.84
CA PRO B 175 -7.21 23.40 18.74
C PRO B 175 -6.46 24.19 19.82
N MET B 176 -6.04 23.50 20.89
CA MET B 176 -5.38 24.18 21.99
C MET B 176 -3.87 24.14 22.01
N THR B 177 -3.27 23.31 21.16
CA THR B 177 -1.82 23.22 21.11
C THR B 177 -1.26 24.58 20.70
N SER B 178 -0.24 25.04 21.41
CA SER B 178 0.36 26.33 21.13
C SER B 178 1.32 26.19 19.97
N GLN B 179 1.52 27.30 19.26
CA GLN B 179 2.44 27.33 18.13
C GLN B 179 3.83 26.93 18.62
N LYS B 180 4.20 27.48 19.78
CA LYS B 180 5.50 27.20 20.39
C LYS B 180 5.71 25.70 20.62
N THR B 181 4.64 25.02 21.04
CA THR B 181 4.71 23.59 21.29
C THR B 181 4.86 22.84 19.97
N PHE B 182 4.08 23.26 18.98
CA PHE B 182 4.12 22.65 17.65
C PHE B 182 5.50 22.72 17.01
N GLU B 183 6.11 23.91 17.05
CA GLU B 183 7.42 24.11 16.44
C GLU B 183 8.51 23.25 17.08
N SER B 184 8.43 23.12 18.40
CA SER B 184 9.40 22.31 19.15
C SER B 184 9.35 20.87 18.70
N LEU B 185 8.15 20.38 18.48
CA LEU B 185 7.96 19.00 18.04
C LEU B 185 8.48 18.84 16.61
N VAL B 186 8.20 19.81 15.75
CA VAL B 186 8.67 19.75 14.37
C VAL B 186 10.19 19.75 14.40
N ASP B 187 10.77 20.67 15.16
CA ASP B 187 12.22 20.72 15.27
C ASP B 187 12.73 19.38 15.83
N PHE B 188 12.00 18.80 16.78
CA PHE B 188 12.41 17.54 17.38
C PHE B 188 12.34 16.42 16.35
N SER B 189 11.26 16.40 15.58
CA SER B 189 11.09 15.38 14.55
C SER B 189 12.29 15.46 13.59
N LYS B 190 12.59 16.67 13.12
CA LYS B 190 13.72 16.86 12.21
C LYS B 190 15.05 16.46 12.88
N ALA B 191 15.18 16.71 14.18
CA ALA B 191 16.41 16.37 14.87
C ALA B 191 16.55 14.86 14.93
N LEU B 192 15.42 14.16 14.86
CA LEU B 192 15.45 12.71 14.88
C LEU B 192 15.82 12.17 13.48
N GLY B 193 15.92 13.10 12.52
CA GLY B 193 16.23 12.70 11.16
C GLY B 193 14.96 12.28 10.45
N LYS B 194 13.82 12.76 10.93
CA LYS B 194 12.55 12.39 10.31
C LYS B 194 11.90 13.51 9.51
N HIS B 195 10.89 13.13 8.73
CA HIS B 195 10.14 14.05 7.86
C HIS B 195 8.75 14.27 8.48
N PRO B 196 8.61 15.31 9.32
CA PRO B 196 7.33 15.60 9.97
C PRO B 196 6.26 16.12 9.04
N VAL B 197 5.04 15.65 9.24
CA VAL B 197 3.89 16.09 8.46
C VAL B 197 2.78 16.53 9.41
N SER B 198 2.48 17.82 9.43
CA SER B 198 1.43 18.36 10.27
C SER B 198 0.08 17.83 9.82
N CYS B 199 -0.64 17.17 10.73
CA CYS B 199 -1.96 16.60 10.44
C CYS B 199 -3.06 17.11 11.39
N LYS B 200 -4.28 17.13 10.88
CA LYS B 200 -5.46 17.55 11.62
C LYS B 200 -5.71 16.48 12.69
N ASP B 201 -6.29 16.86 13.82
CA ASP B 201 -6.58 15.88 14.86
C ASP B 201 -7.90 15.22 14.51
N THR B 202 -7.81 14.17 13.70
CA THR B 202 -8.95 13.40 13.24
C THR B 202 -8.55 11.94 13.36
N PRO B 203 -9.51 11.07 13.64
CA PRO B 203 -9.27 9.63 13.79
C PRO B 203 -8.34 9.04 12.74
N GLY B 204 -7.26 8.43 13.22
CA GLY B 204 -6.28 7.81 12.34
C GLY B 204 -5.38 8.77 11.61
N PHE B 205 -5.58 10.06 11.83
CA PHE B 205 -4.79 11.08 11.16
C PHE B 205 -4.76 10.73 9.66
N ILE B 206 -3.58 10.57 9.08
CA ILE B 206 -3.49 10.23 7.66
C ILE B 206 -3.30 8.72 7.42
N VAL B 207 -2.07 8.24 7.63
CA VAL B 207 -1.73 6.85 7.37
C VAL B 207 -2.63 5.78 7.98
N SER B 208 -2.91 5.87 9.28
CA SER B 208 -3.75 4.85 9.92
C SER B 208 -5.13 4.84 9.31
N ARG B 209 -5.67 6.04 9.14
CA ARG B 209 -7.00 6.26 8.59
C ARG B 209 -7.18 5.61 7.23
N LEU B 210 -6.08 5.49 6.48
CA LEU B 210 -6.13 4.90 5.16
C LEU B 210 -5.67 3.45 5.15
N LEU B 211 -4.64 3.16 5.93
CA LEU B 211 -4.07 1.82 5.96
C LEU B 211 -4.87 0.79 6.72
N VAL B 212 -5.29 1.12 7.95
CA VAL B 212 -6.03 0.16 8.77
C VAL B 212 -7.27 -0.42 8.11
N PRO B 213 -8.12 0.45 7.53
CA PRO B 213 -9.33 -0.09 6.89
C PRO B 213 -9.00 -1.07 5.75
N TYR B 214 -7.91 -0.79 5.05
CA TYR B 214 -7.44 -1.64 3.96
C TYR B 214 -7.04 -2.99 4.54
N LEU B 215 -6.22 -2.97 5.59
CA LEU B 215 -5.79 -4.20 6.25
C LEU B 215 -7.00 -5.01 6.72
N MET B 216 -8.06 -4.33 7.14
CA MET B 216 -9.25 -5.04 7.58
C MET B 216 -9.91 -5.71 6.37
N GLU B 217 -9.93 -4.99 5.24
CA GLU B 217 -10.50 -5.54 4.02
C GLU B 217 -9.70 -6.77 3.59
N ALA B 218 -8.38 -6.70 3.66
CA ALA B 218 -7.58 -7.86 3.30
C ALA B 218 -8.01 -9.03 4.18
N ILE B 219 -8.25 -8.76 5.45
CA ILE B 219 -8.67 -9.80 6.37
C ILE B 219 -10.05 -10.35 5.98
N ARG B 220 -10.98 -9.46 5.67
CA ARG B 220 -12.31 -9.90 5.28
C ARG B 220 -12.27 -10.73 4.00
N LEU B 221 -11.38 -10.37 3.09
CA LEU B 221 -11.24 -11.09 1.83
C LEU B 221 -10.94 -12.53 2.19
N TYR B 222 -10.04 -12.70 3.15
CA TYR B 222 -9.61 -14.01 3.62
C TYR B 222 -10.66 -14.84 4.35
N GLU B 223 -11.37 -14.20 5.28
CA GLU B 223 -12.41 -14.87 6.06
C GLU B 223 -13.52 -15.37 5.15
N ARG B 224 -13.73 -14.63 4.07
CA ARG B 224 -14.76 -14.93 3.07
C ARG B 224 -14.44 -16.21 2.28
N GLY B 225 -13.16 -16.56 2.21
CA GLY B 225 -12.74 -17.76 1.48
C GLY B 225 -12.30 -17.47 0.05
N ASP B 226 -12.34 -16.19 -0.36
CA ASP B 226 -11.96 -15.79 -1.71
C ASP B 226 -10.51 -16.12 -2.08
N ALA B 227 -9.59 -15.93 -1.15
CA ALA B 227 -8.18 -16.21 -1.39
C ALA B 227 -7.52 -16.56 -0.06
N SER B 228 -6.24 -16.95 -0.14
CA SER B 228 -5.51 -17.31 1.07
C SER B 228 -4.63 -16.12 1.47
N LYS B 229 -4.17 -16.13 2.70
CA LYS B 229 -3.32 -15.08 3.22
C LYS B 229 -2.04 -14.98 2.39
N GLU B 230 -1.44 -16.14 2.10
CA GLU B 230 -0.19 -16.18 1.34
C GLU B 230 -0.30 -15.59 -0.07
N ASP B 231 -1.38 -15.90 -0.79
CA ASP B 231 -1.58 -15.39 -2.14
C ASP B 231 -1.94 -13.90 -2.07
N ILE B 232 -2.70 -13.52 -1.04
CA ILE B 232 -3.07 -12.13 -0.87
C ILE B 232 -1.82 -11.29 -0.64
N ASP B 233 -0.86 -11.85 0.09
CA ASP B 233 0.37 -11.12 0.36
C ASP B 233 1.24 -11.07 -0.89
N THR B 234 1.35 -12.20 -1.58
CA THR B 234 2.14 -12.26 -2.81
C THR B 234 1.54 -11.23 -3.75
N ALA B 235 0.21 -11.30 -3.88
CA ALA B 235 -0.54 -10.40 -4.74
C ALA B 235 -0.28 -8.93 -4.49
N MET B 236 -0.34 -8.51 -3.23
CA MET B 236 -0.12 -7.09 -2.92
C MET B 236 1.32 -6.65 -3.13
N LYS B 237 2.27 -7.54 -2.85
CA LYS B 237 3.68 -7.21 -3.02
C LYS B 237 4.07 -7.11 -4.49
N LEU B 238 3.74 -8.15 -5.24
CA LEU B 238 4.09 -8.22 -6.66
C LEU B 238 3.20 -7.38 -7.56
N GLY B 239 1.99 -7.09 -7.10
CA GLY B 239 1.07 -6.31 -7.89
C GLY B 239 0.96 -4.83 -7.54
N ALA B 240 1.23 -4.48 -6.28
CA ALA B 240 1.15 -3.08 -5.87
C ALA B 240 2.51 -2.55 -5.48
N GLY B 241 3.49 -3.44 -5.37
CA GLY B 241 4.83 -3.06 -4.99
C GLY B 241 5.01 -2.84 -3.49
N TYR B 242 4.04 -3.27 -2.70
CA TYR B 242 4.12 -3.10 -1.25
C TYR B 242 5.30 -3.85 -0.64
N PRO B 243 5.95 -3.24 0.38
CA PRO B 243 7.08 -3.86 1.06
C PRO B 243 6.65 -5.16 1.74
N MET B 244 5.41 -5.16 2.24
CA MET B 244 4.85 -6.34 2.94
C MET B 244 3.41 -6.63 2.56
N GLY B 245 3.04 -7.90 2.56
CA GLY B 245 1.67 -8.27 2.28
C GLY B 245 0.86 -7.77 3.46
N PRO B 246 -0.47 -7.61 3.35
CA PRO B 246 -1.24 -7.12 4.49
C PRO B 246 -1.14 -7.98 5.77
N PHE B 247 -1.15 -9.29 5.62
CA PHE B 247 -1.07 -10.18 6.78
C PHE B 247 0.32 -10.17 7.43
N GLU B 248 1.36 -10.05 6.62
CA GLU B 248 2.70 -9.99 7.18
C GLU B 248 2.72 -8.70 8.01
N LEU B 249 2.10 -7.65 7.46
CA LEU B 249 2.06 -6.34 8.11
C LEU B 249 1.21 -6.29 9.37
N LEU B 250 0.07 -6.99 9.37
CA LEU B 250 -0.77 -7.03 10.54
C LEU B 250 0.03 -7.65 11.67
N ASP B 251 0.59 -8.83 11.43
CA ASP B 251 1.41 -9.52 12.44
C ASP B 251 2.57 -8.66 12.89
N TYR B 252 3.13 -7.90 11.95
CA TYR B 252 4.28 -7.05 12.23
C TYR B 252 3.92 -5.93 13.19
N VAL B 253 2.71 -5.40 13.00
CA VAL B 253 2.20 -4.30 13.78
C VAL B 253 1.59 -4.71 15.11
N GLY B 254 0.95 -5.87 15.14
CA GLY B 254 0.34 -6.34 16.37
C GLY B 254 -1.16 -6.43 16.23
N LEU B 255 -1.67 -7.64 16.32
CA LEU B 255 -3.10 -7.87 16.18
C LEU B 255 -3.90 -7.23 17.32
N ASP B 256 -3.33 -7.23 18.54
CA ASP B 256 -4.00 -6.63 19.68
C ASP B 256 -4.18 -5.14 19.44
N THR B 257 -3.08 -4.47 19.13
CA THR B 257 -3.13 -3.05 18.85
C THR B 257 -4.14 -2.77 17.74
N THR B 258 -4.05 -3.53 16.64
CA THR B 258 -4.97 -3.36 15.50
C THR B 258 -6.42 -3.50 15.97
N LYS B 259 -6.71 -4.63 16.60
CA LYS B 259 -8.05 -4.87 17.10
C LYS B 259 -8.52 -3.68 17.95
N PHE B 260 -7.64 -3.19 18.80
CA PHE B 260 -8.01 -2.07 19.66
C PHE B 260 -8.34 -0.85 18.82
N ILE B 261 -7.54 -0.60 17.79
CA ILE B 261 -7.76 0.53 16.90
C ILE B 261 -9.14 0.48 16.27
N VAL B 262 -9.50 -0.70 15.76
CA VAL B 262 -10.77 -0.86 15.10
C VAL B 262 -11.96 -0.81 16.06
N ASP B 263 -11.85 -1.51 17.18
CA ASP B 263 -12.94 -1.48 18.15
C ASP B 263 -13.26 -0.04 18.54
N GLY B 264 -12.21 0.76 18.76
CA GLY B 264 -12.41 2.15 19.11
C GLY B 264 -13.27 2.85 18.07
N TRP B 265 -12.90 2.70 16.81
CA TRP B 265 -13.63 3.32 15.71
C TRP B 265 -15.00 2.72 15.52
N HIS B 266 -15.10 1.41 15.71
CA HIS B 266 -16.37 0.73 15.55
C HIS B 266 -17.41 1.27 16.52
N GLU B 267 -16.97 1.70 17.69
CA GLU B 267 -17.89 2.23 18.67
C GLU B 267 -18.28 3.68 18.39
N MET B 268 -17.44 4.40 17.66
CA MET B 268 -17.76 5.79 17.33
C MET B 268 -18.72 5.85 16.15
N ASP B 269 -18.90 4.72 15.46
CA ASP B 269 -19.78 4.67 14.29
C ASP B 269 -20.07 3.20 13.95
N ALA B 270 -20.81 2.54 14.81
CA ALA B 270 -21.16 1.12 14.66
C ALA B 270 -21.60 0.65 13.27
N GLU B 271 -22.36 1.48 12.57
CA GLU B 271 -22.85 1.10 11.25
C GLU B 271 -21.78 1.12 10.18
N ASN B 272 -20.84 2.05 10.30
CA ASN B 272 -19.76 2.17 9.33
C ASN B 272 -19.22 0.78 8.99
N PRO B 273 -19.19 0.43 7.70
CA PRO B 273 -18.70 -0.90 7.32
C PRO B 273 -17.18 -0.98 7.42
N LEU B 274 -16.52 0.16 7.23
CA LEU B 274 -15.08 0.23 7.30
C LEU B 274 -14.50 -0.39 8.57
N HIS B 275 -15.13 -0.08 9.69
CA HIS B 275 -14.66 -0.53 10.98
C HIS B 275 -15.40 -1.72 11.61
N GLN B 276 -15.88 -2.64 10.78
CA GLN B 276 -16.56 -3.82 11.29
C GLN B 276 -15.53 -4.79 11.87
N PRO B 277 -15.77 -5.29 13.09
CA PRO B 277 -14.83 -6.22 13.71
C PRO B 277 -14.67 -7.51 12.92
N SER B 278 -13.51 -8.14 13.06
CA SER B 278 -13.22 -9.38 12.36
C SER B 278 -13.22 -10.56 13.31
N PRO B 279 -13.96 -11.62 12.98
CA PRO B 279 -14.01 -12.82 13.82
C PRO B 279 -12.63 -13.44 13.96
N SER B 280 -11.94 -13.58 12.83
CA SER B 280 -10.61 -14.15 12.80
C SER B 280 -9.61 -13.33 13.62
N LEU B 281 -9.66 -12.00 13.48
CA LEU B 281 -8.76 -11.13 14.23
C LEU B 281 -9.08 -11.20 15.73
N ASN B 282 -10.36 -11.08 16.09
CA ASN B 282 -10.74 -11.14 17.50
C ASN B 282 -10.31 -12.48 18.12
N LYS B 283 -10.51 -13.59 17.41
CA LYS B 283 -10.15 -14.90 17.94
C LYS B 283 -8.65 -15.07 18.16
N LEU B 284 -7.83 -14.49 17.30
CA LEU B 284 -6.39 -14.60 17.47
C LEU B 284 -5.97 -13.78 18.69
N VAL B 285 -6.55 -12.60 18.84
CA VAL B 285 -6.24 -11.75 19.98
C VAL B 285 -6.58 -12.47 21.27
N ALA B 286 -7.79 -13.03 21.32
CA ALA B 286 -8.27 -13.76 22.49
C ALA B 286 -7.33 -14.91 22.86
N GLU B 287 -6.74 -15.56 21.86
CA GLU B 287 -5.84 -16.67 22.10
C GLU B 287 -4.42 -16.17 22.32
N ASN B 288 -4.29 -14.87 22.52
CA ASN B 288 -3.01 -14.22 22.75
C ASN B 288 -1.96 -14.41 21.65
N LYS B 289 -2.40 -14.32 20.40
CA LYS B 289 -1.50 -14.40 19.25
C LYS B 289 -1.60 -13.00 18.67
N PHE B 290 -0.67 -12.15 19.05
CA PHE B 290 -0.70 -10.76 18.60
C PHE B 290 0.18 -10.48 17.40
N GLY B 291 0.91 -11.49 16.92
CA GLY B 291 1.78 -11.28 15.77
C GLY B 291 3.22 -11.69 16.07
N LYS B 292 4.17 -10.96 15.49
CA LYS B 292 5.58 -11.26 15.71
C LYS B 292 5.98 -11.13 17.18
N LYS B 293 5.52 -10.08 17.84
CA LYS B 293 5.89 -9.88 19.25
C LYS B 293 5.54 -11.07 20.14
N THR B 294 4.54 -11.87 19.78
CA THR B 294 4.20 -13.03 20.59
C THR B 294 4.65 -14.31 19.90
N GLY B 295 5.35 -14.18 18.79
CA GLY B 295 5.81 -15.36 18.07
C GLY B 295 4.74 -16.03 17.22
N GLU B 296 3.55 -15.44 17.15
CA GLU B 296 2.47 -15.99 16.34
C GLU B 296 1.30 -15.05 16.23
N GLY B 297 0.74 -14.95 15.03
CA GLY B 297 -0.41 -14.11 14.77
C GLY B 297 -1.18 -14.83 13.67
N PHE B 298 -1.29 -14.19 12.51
CA PHE B 298 -1.96 -14.85 11.40
C PHE B 298 -1.03 -15.97 10.96
N TYR B 299 0.27 -15.68 11.01
CA TYR B 299 1.32 -16.63 10.62
C TYR B 299 2.09 -17.11 11.85
N LYS B 300 2.95 -18.09 11.63
CA LYS B 300 3.78 -18.68 12.67
C LYS B 300 5.22 -18.25 12.43
N TYR B 301 5.92 -17.88 13.48
CA TYR B 301 7.31 -17.46 13.35
C TYR B 301 8.22 -18.32 14.23
N LYS B 302 9.49 -17.96 14.29
CA LYS B 302 10.45 -18.69 15.11
C LYS B 302 10.28 -18.17 16.53
N1A CAA C . 8.92 0.06 -18.48
C2A CAA C . 10.20 -0.53 -18.27
N3A CAA C . 10.93 -0.10 -17.15
C4A CAA C . 10.36 0.84 -16.26
C5A CAA C . 9.06 1.38 -16.44
C6A CAA C . 8.35 1.01 -17.61
N6A CAA C . 7.08 1.59 -17.95
N7A CAA C . 8.71 2.18 -15.35
C8A CAA C . 9.83 2.12 -14.50
N9A CAA C . 10.86 1.34 -15.05
C1B CAA C . 12.13 0.94 -14.47
C2B CAA C . 13.30 1.96 -14.42
O2B CAA C . 14.16 2.08 -15.55
C3B CAA C . 14.05 1.63 -13.11
O3B CAA C . 15.12 0.68 -13.24
P3B CAA C . 16.41 0.85 -12.32
O7A CAA C . 17.25 1.99 -12.74
O8A CAA C . 16.07 0.98 -10.89
O9A CAA C . 17.20 -0.38 -12.51
C4B CAA C . 12.96 0.93 -12.27
O4B CAA C . 11.92 0.44 -13.14
C5B CAA C . 12.38 1.93 -11.25
O5B CAA C . 11.53 2.89 -11.92
P1A CAA C . 11.30 4.42 -11.37
O1A CAA C . 12.53 5.20 -11.15
O2A CAA C . 10.08 5.15 -11.78
O3A CAA C . 11.06 3.94 -9.87
P2A CAA C . 9.74 4.14 -9.06
O4A CAA C . 9.92 3.45 -7.77
O5A CAA C . 9.42 5.56 -8.89
O6A CAA C . 8.60 3.48 -9.88
CBP CAA C . 7.17 1.55 -10.12
CCP CAA C . 8.61 2.09 -10.18
CDP CAA C . 7.25 0.03 -10.41
CEP CAA C . 6.33 2.22 -11.23
CAP CAA C . 6.59 1.86 -8.71
OAP CAA C . 6.39 3.26 -8.55
C9P CAA C . 5.24 1.16 -8.43
O9P CAA C . 5.23 -0.04 -8.13
N8P CAA C . 4.11 1.96 -8.20
C7P CAA C . 2.90 1.40 -7.82
C6P CAA C . 2.08 1.07 -9.07
C5P CAA C . 1.26 -0.13 -8.88
O5P CAA C . 0.70 -0.32 -7.79
N4P CAA C . 0.81 -0.83 -10.02
C3P CAA C . -0.44 -1.47 -10.04
C2P CAA C . -1.54 -0.40 -10.16
S1P CAA C . -3.15 -1.21 -9.94
C1 CAA C . -3.49 -2.20 -11.40
O1 CAA C . -2.61 -2.34 -12.26
C2 CAA C . -4.69 -3.15 -11.37
C3 CAA C . -6.10 -2.61 -11.59
O3 CAA C . -7.01 -3.42 -11.73
C4 CAA C . -6.37 -1.10 -11.83
PA NAD D . -6.38 2.83 -21.93
O1A NAD D . -7.48 3.81 -22.10
O2A NAD D . -5.00 3.36 -21.76
O5B NAD D . -6.32 1.74 -23.10
C5B NAD D . -7.48 1.27 -23.84
C4B NAD D . -7.29 1.21 -25.25
O4B NAD D . -8.52 0.64 -25.75
C3B NAD D . -7.19 2.53 -26.02
O3B NAD D . -5.96 2.64 -26.76
C2B NAD D . -8.47 2.57 -26.87
O2B NAD D . -8.25 3.33 -28.06
C1B NAD D . -8.70 1.08 -27.05
N9A NAD D . -10.00 0.57 -27.45
C8A NAD D . -11.25 0.90 -27.01
N7A NAD D . -12.24 0.21 -27.58
C5A NAD D . -11.59 -0.60 -28.47
C6A NAD D . -12.02 -1.58 -29.38
N6A NAD D . -13.28 -1.93 -29.58
N1A NAD D . -11.10 -2.26 -30.14
C2A NAD D . -9.76 -1.95 -29.97
N3A NAD D . -9.26 -1.06 -29.14
C4A NAD D . -10.20 -0.41 -28.42
O3 NAD D . -6.74 1.99 -20.70
PN NAD D . -5.92 0.78 -19.95
O1N NAD D . -5.32 1.46 -18.80
O2N NAD D . -4.84 0.32 -20.88
O5D NAD D . -7.07 -0.19 -19.46
C5D NAD D . -7.19 -1.49 -20.01
C4D NAD D . -8.24 -2.31 -19.32
O4D NAD D . -7.40 -2.89 -18.31
C3D NAD D . -9.42 -1.69 -18.55
O3D NAD D . -10.46 -2.66 -18.60
C2D NAD D . -8.89 -1.55 -17.11
O2D NAD D . -9.86 -1.73 -16.07
C1D NAD D . -7.86 -2.64 -17.03
N1N NAD D . -6.68 -2.33 -16.26
C2N NAD D . -6.18 -1.04 -16.03
C3N NAD D . -4.90 -0.84 -15.31
C7N NAD D . -4.30 0.51 -15.18
O7N NAD D . -3.23 0.64 -14.55
N7N NAD D . -4.87 1.61 -15.70
C4N NAD D . -4.22 -2.10 -14.83
C5N NAD D . -4.89 -3.41 -15.07
C6N NAD D . -6.01 -3.50 -15.75
N1A CAA E . 15.38 -1.57 13.23
C2A CAA E . 16.54 -1.17 12.53
N3A CAA E . 16.70 -1.69 11.22
C4A CAA E . 15.73 -2.55 10.65
C5A CAA E . 14.58 -2.94 11.37
C6A CAA E . 14.41 -2.45 12.69
N6A CAA E . 13.35 -2.86 13.56
N7A CAA E . 13.80 -3.78 10.56
C8A CAA E . 14.49 -3.86 9.34
N9A CAA E . 15.70 -3.12 9.37
C1B CAA E . 16.63 -2.90 8.28
C2B CAA E . 18.14 -3.23 8.46
O2B CAA E . 18.90 -2.11 8.92
C3B CAA E . 18.65 -3.83 7.13
O3B CAA E . 19.60 -3.02 6.38
P3B CAA E . 20.04 -3.26 4.86
O7A CAA E . 20.41 -4.65 4.57
O8A CAA E . 18.95 -2.88 3.94
O9A CAA E . 21.14 -2.37 4.43
C4B CAA E . 17.33 -4.19 6.42
O4B CAA E . 16.23 -3.48 7.01
C5B CAA E . 17.15 -5.73 6.45
O5B CAA E . 15.95 -6.13 7.15
P1A CAA E . 14.58 -6.51 6.32
O1A CAA E . 14.84 -7.29 5.09
O2A CAA E . 13.33 -6.72 7.09
O3A CAA E . 14.26 -5.09 5.68
P2A CAA E . 13.08 -4.79 4.67
O4A CAA E . 13.52 -3.77 3.70
O5A CAA E . 12.64 -6.01 3.97
O6A CAA E . 11.88 -4.26 5.51
CBP CAA E . 10.58 -2.44 6.49
CCP CAA E . 11.97 -3.02 6.20
CDP CAA E . 10.79 -0.94 6.84
CEP CAA E . 9.99 -3.17 7.72
CAP CAA E . 9.64 -2.62 5.23
OAP CAA E . 9.30 -3.99 5.07
C9P CAA E . 8.35 -1.80 5.31
O9P CAA E . 8.35 -0.62 4.95
N8P CAA E . 7.14 -2.45 5.62
C7P CAA E . 5.94 -1.74 5.78
C6P CAA E . 5.78 -1.35 7.27
C5P CAA E . 4.82 -0.24 7.45
O5P CAA E . 3.79 -0.20 6.78
N4P CAA E . 4.93 0.54 8.63
C3P CAA E . 3.85 1.31 9.10
C2P CAA E . 2.83 0.41 9.81
S1P CAA E . 1.33 1.39 10.18
C1 CAA E . 1.61 2.43 11.64
O1 CAA E . 2.76 2.56 12.09
C2 CAA E . 0.41 3.06 12.35
C3 CAA E . -0.57 2.15 13.08
O3 CAA E . -0.15 1.33 13.88
C4 CAA E . -2.08 2.16 12.71
PA NAD F . 3.32 -2.88 22.49
O1A NAD F . 2.25 -3.76 23.00
O2A NAD F . 4.45 -3.57 21.81
O5B NAD F . 4.00 -1.98 23.63
C5B NAD F . 3.27 -1.38 24.73
C4B NAD F . 4.10 -1.26 25.87
O4B NAD F . 3.25 -0.55 26.80
C3B NAD F . 4.49 -2.56 26.59
O3B NAD F . 5.91 -2.68 26.70
C2B NAD F . 3.72 -2.48 27.92
O2B NAD F . 4.42 -3.11 29.02
C1B NAD F . 3.55 -0.98 28.10
N9A NAD F . 2.47 -0.47 28.96
C8A NAD F . 1.17 -0.87 28.99
N7A NAD F . 0.42 -0.21 29.86
C5A NAD F . 1.31 0.68 30.44
C6A NAD F . 1.18 1.69 31.43
N6A NAD F . 0.04 2.00 32.04
N1A NAD F . 2.26 2.44 31.81
C2A NAD F . 3.46 2.17 31.20
N3A NAD F . 3.69 1.27 30.27
C4A NAD F . 2.59 0.55 29.92
O3 NAD F . 2.65 -1.82 21.60
PN NAD F . 3.17 -0.58 20.65
O1N NAD F . 3.20 -1.27 19.36
O2N NAD F . 4.56 -0.19 21.02
O5D NAD F . 2.05 0.53 20.64
C5D NAD F . 2.38 1.84 21.09
C4D NAD F . 1.26 2.80 20.86
O4D NAD F . 1.63 3.28 19.55
C3D NAD F . -0.19 2.41 20.72
O3D NAD F . -0.96 3.53 21.19
C2D NAD F . -0.42 2.21 19.22
O2D NAD F . -1.72 2.62 18.77
C1D NAD F . 0.62 3.10 18.60
N1N NAD F . 1.30 2.60 17.41
C2N NAD F . 1.53 1.24 17.16
C3N NAD F . 2.34 0.79 15.99
C7N NAD F . 2.62 -0.65 15.80
O7N NAD F . 3.31 -1.00 14.84
N7N NAD F . 2.19 -1.61 16.63
C4N NAD F . 2.81 1.90 15.08
C5N NAD F . 2.46 3.31 15.44
C6N NAD F . 1.78 3.62 16.52
#